data_4G59
#
_entry.id   4G59
#
_cell.length_a   193.443
_cell.length_b   99.800
_cell.length_c   68.609
_cell.angle_alpha   90.00
_cell.angle_beta   100.72
_cell.angle_gamma   90.00
#
_symmetry.space_group_name_H-M   'C 1 2 1'
#
loop_
_entity.id
_entity.type
_entity.pdbx_description
1 polymer 'Retinoic acid early-inducible protein 1-gamma'
2 polymer 'M152 protein'
3 non-polymer 2-acetamido-2-deoxy-beta-D-glucopyranose
4 water water
#
loop_
_entity_poly.entity_id
_entity_poly.type
_entity_poly.pdbx_seq_one_letter_code
_entity_poly.pdbx_strand_id
1 'polypeptide(L)'
;MLDDAHSLRCNLTIKAPTPADPLWYEAKCLVDEILILHLSNINKTMTSGDPGETANATEVGECLTQPVNDLCQKLRDKVS
NTKVDTHKTNGYPHLQVTMIYPQSQGQTPSATWEFNISDSYFFTFYTENMSWRSANDESGVIMNKWNDDGDLVQRLKYFI
PECRQKIDEFLKQSKEKPRSTSRSPSITQLTSTSPLPPPSHSTSK
;
A,B
2 'polypeptide(L)'
;GSSYMDVRIFEDERVDICQDLTATFISYREGPEMFRHSINLEQSSDIFRIEASGEVKHFPWMNVSELAQESAFFVEQERF
VYEYIMNVFKAGRPVVFEYRCKFVPFECTVLQMMDGNTLTRYTVDKGVETLGSPPYSPDVSEDDIARYGQGSGISILRDN
AALLQKRWTSFCRKIVAMDNPRHNEYSLYSNRGNGYVSCTMRTQVPLAYNISLANGVDIYKYMRMYSGGRLKVEAWLDLR
DLNGSTDFAFVISSPTGWYATVKYSEYPQQSPGMLLSSIDGQFESSAVVSWHRGHGLKHAPPVSAEYSILVPRGSHHHHH
H
;
C,D
#
# COMPACT_ATOMS: atom_id res chain seq x y z
N ALA A 5 -8.50 -4.89 -17.66
CA ALA A 5 -8.41 -4.09 -18.88
C ALA A 5 -9.29 -2.85 -18.77
N HIS A 6 -10.60 -3.06 -18.83
CA HIS A 6 -11.51 -1.93 -18.64
C HIS A 6 -11.83 -1.62 -17.17
N SER A 7 -11.05 -0.69 -16.65
CA SER A 7 -11.17 -0.23 -15.29
C SER A 7 -11.35 1.27 -15.39
N LEU A 8 -11.62 1.93 -14.26
CA LEU A 8 -11.59 3.40 -14.23
C LEU A 8 -10.15 3.92 -14.15
N ARG A 9 -9.77 4.79 -15.06
CA ARG A 9 -8.43 5.39 -15.02
C ARG A 9 -8.53 6.90 -15.01
N CYS A 10 -7.91 7.54 -14.02
CA CYS A 10 -7.90 9.00 -13.95
C CYS A 10 -6.48 9.53 -14.06
N ASN A 11 -6.28 10.50 -14.95
CA ASN A 11 -5.00 11.12 -15.15
C ASN A 11 -5.04 12.59 -14.78
N LEU A 12 -4.14 12.96 -13.88
CA LEU A 12 -4.13 14.32 -13.35
C LEU A 12 -2.80 14.93 -13.75
N THR A 13 -2.85 16.16 -14.26
CA THR A 13 -1.58 16.86 -14.49
C THR A 13 -1.63 18.13 -13.68
N ILE A 14 -0.57 18.42 -12.95
CA ILE A 14 -0.49 19.67 -12.19
C ILE A 14 0.85 20.38 -12.44
N LYS A 15 0.78 21.53 -13.09
CA LYS A 15 1.98 22.24 -13.52
C LYS A 15 1.85 23.73 -13.24
N ALA A 16 2.95 24.47 -13.39
CA ALA A 16 2.90 25.90 -13.22
C ALA A 16 2.23 26.55 -14.42
N PRO A 17 1.39 27.55 -14.18
CA PRO A 17 0.81 28.26 -15.32
C PRO A 17 1.78 29.34 -15.84
N THR A 18 1.62 29.72 -17.10
CA THR A 18 2.49 30.69 -17.76
C THR A 18 1.59 31.71 -18.43
N PRO A 19 2.14 32.83 -18.90
CA PRO A 19 1.29 33.73 -19.70
C PRO A 19 0.83 33.06 -21.00
N ALA A 20 1.71 32.28 -21.61
CA ALA A 20 1.39 31.54 -22.83
C ALA A 20 0.34 30.45 -22.57
N ASP A 21 0.61 29.62 -21.56
CA ASP A 21 -0.33 28.58 -21.13
C ASP A 21 -0.74 28.75 -19.66
N PRO A 22 -1.97 29.25 -19.43
CA PRO A 22 -2.49 29.54 -18.09
C PRO A 22 -3.10 28.34 -17.39
N LEU A 23 -2.91 27.14 -17.95
CA LEU A 23 -3.39 25.90 -17.32
C LEU A 23 -2.48 25.45 -16.19
N TRP A 24 -3.06 25.18 -15.02
CA TRP A 24 -2.27 24.65 -13.90
C TRP A 24 -2.82 23.33 -13.37
N TYR A 25 -3.96 22.89 -13.89
CA TYR A 25 -4.45 21.53 -13.64
C TYR A 25 -5.29 21.04 -14.78
N GLU A 26 -5.25 19.73 -14.98
CA GLU A 26 -6.10 19.06 -15.95
C GLU A 26 -6.37 17.65 -15.51
N ALA A 27 -7.63 17.22 -15.64
CA ALA A 27 -8.01 15.89 -15.22
C ALA A 27 -8.79 15.20 -16.31
N LYS A 28 -8.38 13.98 -16.63
CA LYS A 28 -9.14 13.12 -17.54
C LYS A 28 -9.42 11.78 -16.90
N CYS A 29 -10.69 11.42 -16.81
CA CYS A 29 -11.04 10.09 -16.40
C CYS A 29 -11.61 9.31 -17.58
N LEU A 30 -11.11 8.09 -17.75
CA LEU A 30 -11.45 7.24 -18.88
C LEU A 30 -11.86 5.86 -18.37
N VAL A 31 -12.83 5.24 -19.03
CA VAL A 31 -13.09 3.80 -18.95
C VAL A 31 -12.83 3.28 -20.36
N ASP A 32 -11.67 2.66 -20.57
CA ASP A 32 -11.17 2.38 -21.91
C ASP A 32 -10.94 3.67 -22.72
N GLU A 33 -11.59 3.78 -23.87
CA GLU A 33 -11.41 4.96 -24.71
C GLU A 33 -12.43 6.04 -24.35
N ILE A 34 -13.56 5.63 -23.79
CA ILE A 34 -14.66 6.55 -23.51
C ILE A 34 -14.32 7.50 -22.36
N LEU A 35 -14.50 8.80 -22.60
CA LEU A 35 -14.09 9.82 -21.66
C LEU A 35 -15.21 10.13 -20.67
N ILE A 36 -15.00 9.76 -19.42
CA ILE A 36 -16.00 9.95 -18.38
C ILE A 36 -16.00 11.41 -17.96
N LEU A 37 -14.81 12.01 -17.90
CA LEU A 37 -14.67 13.31 -17.27
C LEU A 37 -13.46 14.06 -17.81
N HIS A 38 -13.63 15.36 -18.05
CA HIS A 38 -12.51 16.21 -18.45
C HIS A 38 -12.59 17.57 -17.75
N LEU A 39 -11.61 17.85 -16.90
CA LEU A 39 -11.65 19.08 -16.12
C LEU A 39 -10.32 19.84 -16.19
N SER A 40 -10.40 21.17 -16.14
CA SER A 40 -9.23 22.01 -16.09
C SER A 40 -9.63 23.37 -15.56
N ASN A 41 -8.66 24.23 -15.30
CA ASN A 41 -8.95 25.57 -14.81
C ASN A 41 -9.28 26.52 -15.95
N ILE A 42 -8.83 26.17 -17.14
CA ILE A 42 -9.11 26.95 -18.34
C ILE A 42 -10.58 26.95 -18.72
N ASN A 43 -11.20 25.78 -18.61
CA ASN A 43 -12.60 25.63 -18.94
C ASN A 43 -13.18 24.47 -18.17
N LYS A 44 -14.50 24.41 -18.06
CA LYS A 44 -15.13 23.30 -17.35
C LYS A 44 -15.68 23.72 -15.98
N ALA A 55 -26.92 9.07 -19.43
CA ALA A 55 -25.77 8.16 -19.38
C ALA A 55 -25.39 7.75 -17.96
N ASN A 56 -25.02 6.48 -17.81
CA ASN A 56 -24.38 6.03 -16.58
C ASN A 56 -23.01 6.70 -16.55
N ALA A 57 -22.50 7.05 -17.73
CA ALA A 57 -21.19 7.70 -17.83
C ALA A 57 -21.25 9.14 -17.37
N THR A 58 -22.36 9.80 -17.66
CA THR A 58 -22.60 11.17 -17.24
C THR A 58 -22.76 11.24 -15.72
N GLU A 59 -23.33 10.18 -15.14
CA GLU A 59 -23.56 10.10 -13.71
C GLU A 59 -22.26 9.85 -12.92
N VAL A 60 -21.41 8.97 -13.44
CA VAL A 60 -20.09 8.77 -12.84
C VAL A 60 -19.31 10.06 -12.91
N GLY A 61 -19.30 10.70 -14.08
CA GLY A 61 -18.54 11.92 -14.32
C GLY A 61 -18.96 13.01 -13.34
N GLU A 62 -20.28 13.15 -13.19
CA GLU A 62 -20.84 14.12 -12.26
C GLU A 62 -20.43 13.87 -10.81
N CYS A 63 -20.39 12.59 -10.42
CA CYS A 63 -20.04 12.23 -9.05
C CYS A 63 -18.52 12.50 -8.80
N LEU A 64 -17.70 12.23 -9.80
CA LEU A 64 -16.27 12.42 -9.65
C LEU A 64 -15.85 13.89 -9.75
N THR A 65 -16.77 14.77 -10.15
CA THR A 65 -16.32 16.11 -10.51
C THR A 65 -15.73 16.87 -9.32
N GLN A 66 -16.49 16.94 -8.24
CA GLN A 66 -16.04 17.65 -7.04
C GLN A 66 -14.80 17.00 -6.37
N PRO A 67 -14.83 15.65 -6.14
CA PRO A 67 -13.64 15.06 -5.51
C PRO A 67 -12.41 15.29 -6.38
N VAL A 68 -12.57 15.27 -7.71
CA VAL A 68 -11.43 15.58 -8.58
C VAL A 68 -10.95 17.04 -8.46
N ASN A 69 -11.87 18.00 -8.55
CA ASN A 69 -11.50 19.42 -8.44
C ASN A 69 -10.74 19.66 -7.14
N ASP A 70 -11.33 19.25 -6.03
CA ASP A 70 -10.73 19.47 -4.72
C ASP A 70 -9.38 18.78 -4.55
N LEU A 71 -9.23 17.57 -5.10
CA LEU A 71 -7.93 16.89 -5.07
C LEU A 71 -6.88 17.67 -5.85
N CYS A 72 -7.24 18.15 -7.04
CA CYS A 72 -6.29 18.88 -7.89
C CYS A 72 -5.82 20.18 -7.25
N GLN A 73 -6.76 20.93 -6.69
CA GLN A 73 -6.45 22.08 -5.86
C GLN A 73 -5.53 21.66 -4.71
N LYS A 74 -5.87 20.58 -4.02
CA LYS A 74 -5.06 20.12 -2.90
C LYS A 74 -3.65 19.65 -3.31
N LEU A 75 -3.51 19.12 -4.52
CA LEU A 75 -2.20 18.62 -4.91
C LEU A 75 -1.33 19.79 -5.31
N ARG A 76 -1.92 20.78 -5.96
CA ARG A 76 -1.18 22.00 -6.22
C ARG A 76 -0.71 22.63 -4.93
N ASP A 77 -1.54 22.68 -3.89
CA ASP A 77 -1.09 23.24 -2.62
C ASP A 77 0.13 22.47 -2.12
N LYS A 78 0.04 21.15 -2.17
CA LYS A 78 1.13 20.28 -1.73
C LYS A 78 2.41 20.53 -2.56
N VAL A 79 2.27 20.64 -3.87
CA VAL A 79 3.41 20.87 -4.75
C VAL A 79 4.08 22.22 -4.47
N SER A 80 3.27 23.26 -4.32
CA SER A 80 3.76 24.61 -4.05
C SER A 80 4.56 24.70 -2.77
N ASN A 81 4.12 24.03 -1.71
CA ASN A 81 4.78 24.14 -0.41
C ASN A 81 5.86 23.11 -0.10
N THR A 82 6.18 22.25 -1.06
CA THR A 82 7.09 21.13 -0.81
C THR A 82 8.50 21.32 -1.39
N LYS A 83 9.49 20.68 -0.75
CA LYS A 83 10.89 20.92 -1.06
C LYS A 83 11.47 19.92 -2.07
N VAL A 84 11.38 20.31 -3.35
CA VAL A 84 11.88 19.52 -4.45
C VAL A 84 13.06 20.24 -5.09
N ASP A 85 14.21 19.56 -5.20
CA ASP A 85 15.41 20.16 -5.75
C ASP A 85 15.82 19.62 -7.13
N THR A 86 15.41 18.39 -7.46
CA THR A 86 15.87 17.76 -8.69
C THR A 86 15.12 18.26 -9.94
N HIS A 87 15.54 17.75 -11.09
CA HIS A 87 15.51 18.54 -12.32
C HIS A 87 16.28 19.84 -12.08
N LYS A 88 17.31 19.73 -11.25
CA LYS A 88 18.16 20.84 -10.83
C LYS A 88 17.36 22.05 -10.35
N THR A 89 16.29 21.79 -9.61
CA THR A 89 15.52 22.88 -9.06
C THR A 89 15.24 23.76 -10.25
N ASN A 90 14.82 23.14 -11.34
CA ASN A 90 14.64 23.85 -12.58
C ASN A 90 13.64 24.95 -12.38
N GLY A 91 12.63 24.67 -11.57
CA GLY A 91 11.60 25.64 -11.30
C GLY A 91 10.46 24.90 -10.66
N TYR A 92 9.29 25.51 -10.70
CA TYR A 92 8.09 24.83 -10.23
C TYR A 92 7.97 23.43 -10.83
N PRO A 93 7.82 22.42 -9.95
CA PRO A 93 7.75 21.03 -10.36
C PRO A 93 6.51 20.75 -11.20
N HIS A 94 6.58 19.71 -12.01
CA HIS A 94 5.46 19.29 -12.84
C HIS A 94 5.00 17.98 -12.23
N LEU A 95 3.69 17.81 -12.06
CA LEU A 95 3.16 16.60 -11.42
C LEU A 95 2.22 15.84 -12.32
N GLN A 96 2.44 14.53 -12.42
CA GLN A 96 1.50 13.63 -13.09
C GLN A 96 1.00 12.60 -12.10
N VAL A 97 -0.31 12.39 -12.07
CA VAL A 97 -0.89 11.37 -11.20
C VAL A 97 -1.76 10.46 -12.02
N THR A 98 -1.73 9.18 -11.70
CA THR A 98 -2.52 8.18 -12.41
C THR A 98 -3.26 7.44 -11.34
N MET A 99 -4.61 7.41 -11.40
CA MET A 99 -5.40 6.61 -10.47
C MET A 99 -5.96 5.46 -11.26
N ILE A 100 -5.80 4.24 -10.77
CA ILE A 100 -6.37 3.10 -11.45
C ILE A 100 -7.26 2.36 -10.47
N TYR A 101 -8.48 2.03 -10.91
CA TYR A 101 -9.42 1.26 -10.11
C TYR A 101 -10.22 0.38 -11.04
N PRO A 102 -10.28 -0.93 -10.76
CA PRO A 102 -9.62 -1.59 -9.63
C PRO A 102 -8.21 -2.02 -9.99
N GLN A 103 -7.33 -2.08 -9.00
CA GLN A 103 -5.98 -2.63 -9.19
C GLN A 103 -6.08 -4.13 -9.46
N SER A 104 -5.20 -4.65 -10.31
CA SER A 104 -5.18 -6.08 -10.67
C SER A 104 -4.81 -7.01 -9.53
N GLN A 105 -3.90 -6.56 -8.67
CA GLN A 105 -3.38 -7.43 -7.62
C GLN A 105 -4.06 -7.29 -6.26
N GLY A 106 -5.15 -6.53 -6.21
CA GLY A 106 -5.88 -6.40 -4.95
C GLY A 106 -6.69 -7.63 -4.55
N GLN A 107 -6.88 -7.80 -3.24
CA GLN A 107 -7.84 -8.79 -2.71
C GLN A 107 -9.28 -8.27 -2.80
N THR A 108 -9.47 -7.02 -2.39
CA THR A 108 -10.78 -6.38 -2.54
C THR A 108 -10.56 -5.22 -3.53
N PRO A 109 -11.60 -4.86 -4.29
CA PRO A 109 -11.40 -3.76 -5.25
C PRO A 109 -10.99 -2.46 -4.55
N SER A 110 -9.82 -1.96 -4.95
CA SER A 110 -9.26 -0.75 -4.38
C SER A 110 -8.45 0.01 -5.42
N ALA A 111 -8.31 1.31 -5.23
CA ALA A 111 -7.52 2.14 -6.16
C ALA A 111 -6.00 2.10 -5.90
N THR A 112 -5.21 2.42 -6.92
CA THR A 112 -3.81 2.76 -6.72
C THR A 112 -3.61 4.17 -7.18
N TRP A 113 -2.64 4.85 -6.59
CA TRP A 113 -2.36 6.23 -6.97
C TRP A 113 -0.87 6.35 -7.24
N GLU A 114 -0.55 6.78 -8.45
CA GLU A 114 0.82 6.77 -8.95
C GLU A 114 1.32 8.20 -9.14
N PHE A 115 2.41 8.57 -8.45
CA PHE A 115 2.93 9.94 -8.58
C PHE A 115 4.22 10.06 -9.35
N ASN A 116 4.21 10.92 -10.34
CA ASN A 116 5.41 11.32 -11.06
C ASN A 116 5.63 12.82 -10.88
N ILE A 117 6.61 13.17 -10.07
CA ILE A 117 7.05 14.56 -10.01
C ILE A 117 8.26 14.81 -10.90
N SER A 118 8.07 15.53 -12.00
CA SER A 118 9.15 16.08 -12.81
C SER A 118 10.09 15.04 -13.40
N ASP A 119 9.56 13.83 -13.61
CA ASP A 119 10.37 12.69 -14.07
C ASP A 119 11.57 12.43 -13.22
N SER A 120 11.51 12.87 -11.96
CA SER A 120 12.59 12.69 -11.01
C SER A 120 12.13 11.83 -9.84
N TYR A 121 10.91 12.08 -9.37
CA TYR A 121 10.38 11.35 -8.21
C TYR A 121 9.14 10.51 -8.55
N PHE A 122 9.16 9.26 -8.09
CA PHE A 122 8.10 8.31 -8.44
C PHE A 122 7.71 7.51 -7.21
N PHE A 123 6.45 7.65 -6.79
CA PHE A 123 5.95 6.84 -5.71
C PHE A 123 4.48 6.45 -5.91
N THR A 124 4.04 5.43 -5.19
CA THR A 124 2.72 4.88 -5.41
C THR A 124 2.03 4.57 -4.08
N PHE A 125 0.76 4.95 -3.99
CA PHE A 125 -0.04 4.69 -2.82
C PHE A 125 -1.06 3.59 -3.12
N TYR A 126 -1.07 2.55 -2.28
CA TYR A 126 -1.98 1.44 -2.46
C TYR A 126 -3.08 1.51 -1.41
N THR A 127 -4.29 1.91 -1.81
CA THR A 127 -5.34 2.12 -0.82
C THR A 127 -5.70 0.86 -0.04
N GLU A 128 -5.49 -0.32 -0.62
CA GLU A 128 -5.89 -1.58 0.00
C GLU A 128 -5.30 -1.77 1.39
N ASN A 129 -3.99 -1.53 1.53
CA ASN A 129 -3.35 -1.73 2.82
C ASN A 129 -2.69 -0.45 3.29
N MET A 130 -3.12 0.67 2.71
CA MET A 130 -2.59 1.97 3.08
C MET A 130 -1.07 2.01 2.93
N SER A 131 -0.53 1.30 1.95
CA SER A 131 0.92 1.23 1.85
C SER A 131 1.45 2.15 0.77
N TRP A 132 2.67 2.63 1.00
CA TRP A 132 3.35 3.47 0.02
C TRP A 132 4.63 2.79 -0.46
N ARG A 133 4.96 2.97 -1.74
CA ARG A 133 6.22 2.47 -2.27
C ARG A 133 6.85 3.49 -3.23
N SER A 134 8.17 3.61 -3.19
CA SER A 134 8.87 4.50 -4.11
C SER A 134 9.80 3.73 -5.05
N ALA A 135 10.17 4.37 -6.15
CA ALA A 135 11.15 3.84 -7.09
C ALA A 135 12.59 3.83 -6.51
N ASN A 136 12.89 4.77 -5.62
CA ASN A 136 14.27 4.96 -5.17
C ASN A 136 14.35 5.81 -3.92
N ASP A 137 15.54 5.89 -3.30
CA ASP A 137 15.71 6.57 -2.02
C ASP A 137 15.23 8.01 -2.04
N GLU A 138 15.63 8.77 -3.05
CA GLU A 138 15.21 10.17 -3.07
C GLU A 138 13.69 10.32 -3.26
N SER A 139 13.06 9.36 -3.95
CA SER A 139 11.62 9.35 -4.09
C SER A 139 10.99 9.11 -2.72
N GLY A 140 11.62 8.25 -1.92
CA GLY A 140 11.07 7.90 -0.63
C GLY A 140 10.96 9.08 0.32
N VAL A 141 11.92 10.00 0.23
CA VAL A 141 11.92 11.19 1.09
C VAL A 141 10.66 12.04 0.86
N ILE A 142 10.43 12.42 -0.39
CA ILE A 142 9.24 13.17 -0.77
C ILE A 142 7.94 12.44 -0.42
N MET A 143 7.91 11.15 -0.69
CA MET A 143 6.75 10.31 -0.44
C MET A 143 6.38 10.38 1.03
N ASN A 144 7.36 10.14 1.90
CA ASN A 144 7.13 10.15 3.33
C ASN A 144 6.69 11.50 3.93
N LYS A 145 7.01 12.61 3.26
CA LYS A 145 6.48 13.92 3.62
C LYS A 145 5.00 14.10 3.20
N TRP A 146 4.66 13.59 2.02
CA TRP A 146 3.25 13.52 1.60
C TRP A 146 2.48 12.54 2.48
N ASN A 147 3.07 11.35 2.63
CA ASN A 147 2.58 10.28 3.49
C ASN A 147 1.99 10.71 4.83
N ASP A 148 2.44 11.81 5.40
CA ASP A 148 1.83 12.21 6.67
C ASP A 148 0.97 13.47 6.61
N ASP A 149 0.61 13.89 5.40
CA ASP A 149 -0.48 14.84 5.24
C ASP A 149 -1.78 14.02 5.31
N GLY A 150 -2.37 13.96 6.50
CA GLY A 150 -3.55 13.17 6.77
C GLY A 150 -4.72 13.48 5.85
N ASP A 151 -4.95 14.75 5.57
CA ASP A 151 -6.06 15.13 4.71
C ASP A 151 -5.80 14.58 3.31
N LEU A 152 -4.57 14.72 2.83
CA LEU A 152 -4.21 14.18 1.53
C LEU A 152 -4.53 12.70 1.47
N VAL A 153 -4.00 11.94 2.43
CA VAL A 153 -4.16 10.50 2.42
C VAL A 153 -5.61 10.12 2.39
N GLN A 154 -6.41 10.77 3.23
CA GLN A 154 -7.84 10.49 3.29
C GLN A 154 -8.60 10.84 2.01
N ARG A 155 -8.20 11.91 1.34
CA ARG A 155 -8.80 12.24 0.05
C ARG A 155 -8.57 11.13 -0.96
N LEU A 156 -7.35 10.63 -1.00
CA LEU A 156 -6.97 9.56 -1.92
C LEU A 156 -7.73 8.29 -1.55
N LYS A 157 -7.86 8.04 -0.26
CA LYS A 157 -8.39 6.77 0.23
C LYS A 157 -9.88 6.68 -0.03
N TYR A 158 -10.57 7.81 0.10
CA TYR A 158 -12.02 7.87 0.04
C TYR A 158 -12.54 8.51 -1.25
N PHE A 159 -11.64 8.67 -2.21
CA PHE A 159 -11.97 9.11 -3.55
C PHE A 159 -12.91 8.12 -4.24
N ILE A 160 -12.47 6.88 -4.45
CA ILE A 160 -13.33 5.88 -5.06
C ILE A 160 -14.56 5.55 -4.19
N PRO A 161 -14.37 5.36 -2.86
CA PRO A 161 -15.57 5.08 -2.05
C PRO A 161 -16.69 6.11 -2.18
N GLU A 162 -16.37 7.38 -2.46
CA GLU A 162 -17.43 8.37 -2.63
C GLU A 162 -18.40 8.05 -3.78
N CYS A 163 -17.86 7.46 -4.85
CA CYS A 163 -18.64 7.20 -6.05
C CYS A 163 -18.70 5.71 -6.35
N ARG A 164 -18.48 4.91 -5.32
CA ARG A 164 -18.28 3.50 -5.50
C ARG A 164 -19.39 2.82 -6.31
N GLN A 165 -20.64 2.96 -5.85
CA GLN A 165 -21.76 2.32 -6.53
C GLN A 165 -21.88 2.76 -7.99
N LYS A 166 -21.88 4.07 -8.24
CA LYS A 166 -21.92 4.55 -9.63
C LYS A 166 -20.78 4.03 -10.50
N ILE A 167 -19.56 4.04 -9.96
CA ILE A 167 -18.40 3.45 -10.63
C ILE A 167 -18.52 1.92 -10.89
N ASP A 168 -18.73 1.13 -9.84
CA ASP A 168 -18.83 -0.33 -10.00
C ASP A 168 -19.92 -0.71 -10.99
N GLU A 169 -21.10 -0.10 -10.84
CA GLU A 169 -22.21 -0.35 -11.76
C GLU A 169 -21.84 -0.03 -13.21
N PHE A 170 -21.18 1.10 -13.44
CA PHE A 170 -20.73 1.45 -14.77
C PHE A 170 -19.69 0.44 -15.32
N LEU A 171 -18.70 0.05 -14.50
CA LEU A 171 -17.68 -0.90 -14.97
C LEU A 171 -18.30 -2.25 -15.29
N LYS A 172 -19.44 -2.54 -14.65
CA LYS A 172 -20.14 -3.79 -14.85
C LYS A 172 -20.92 -3.79 -16.18
N GLN A 173 -21.48 -2.63 -16.54
CA GLN A 173 -22.20 -2.47 -17.82
C GLN A 173 -21.27 -2.50 -19.04
N SER A 174 -20.16 -1.77 -18.98
CA SER A 174 -19.02 -2.05 -19.84
C SER A 174 -18.71 -3.49 -19.44
N LYS A 175 -18.17 -4.30 -20.34
CA LYS A 175 -18.09 -5.78 -20.17
C LYS A 175 -19.46 -6.36 -20.56
N GLU A 176 -20.23 -5.52 -21.24
CA GLU A 176 -21.53 -5.88 -21.81
C GLU A 176 -21.90 -4.73 -22.75
N SER B 3 -35.88 0.53 10.92
CA SER B 3 -34.98 0.04 9.87
C SER B 3 -33.81 -0.78 10.44
N TYR B 4 -32.63 -0.59 9.85
CA TYR B 4 -31.43 -1.32 10.22
C TYR B 4 -30.58 -0.49 11.21
N MET B 5 -30.63 0.83 11.00
CA MET B 5 -29.95 1.80 11.85
C MET B 5 -30.94 2.49 12.77
N ASP B 6 -30.47 3.04 13.88
CA ASP B 6 -31.35 3.96 14.61
C ASP B 6 -30.75 5.36 14.74
N VAL B 7 -31.64 6.34 14.57
CA VAL B 7 -31.30 7.75 14.60
C VAL B 7 -31.98 8.36 15.82
N ARG B 8 -31.19 8.77 16.81
CA ARG B 8 -31.71 9.45 17.99
C ARG B 8 -31.46 10.95 17.83
N ILE B 9 -32.49 11.75 18.09
CA ILE B 9 -32.34 13.19 17.95
C ILE B 9 -32.36 13.89 19.31
N PHE B 10 -31.38 14.74 19.56
CA PHE B 10 -31.27 15.41 20.84
C PHE B 10 -31.42 16.91 20.66
N GLU B 11 -32.42 17.48 21.30
CA GLU B 11 -32.65 18.90 21.23
C GLU B 11 -32.70 19.45 22.64
N ASP B 12 -31.94 20.49 22.91
CA ASP B 12 -32.01 21.10 24.21
C ASP B 12 -32.73 22.41 24.04
N GLU B 13 -32.00 23.42 23.62
CA GLU B 13 -32.60 24.73 23.38
C GLU B 13 -32.21 25.16 21.98
N ARG B 14 -33.17 25.55 21.16
CA ARG B 14 -32.82 26.05 19.82
C ARG B 14 -31.91 27.28 19.93
N VAL B 15 -30.80 27.26 19.19
CA VAL B 15 -29.92 28.42 19.12
C VAL B 15 -30.29 29.32 17.93
N ASP B 16 -30.52 30.59 18.20
CA ASP B 16 -30.81 31.53 17.14
C ASP B 16 -29.48 32.05 16.58
N ILE B 17 -29.16 31.66 15.36
CA ILE B 17 -27.87 32.01 14.76
C ILE B 17 -27.91 33.27 13.92
N CYS B 18 -29.03 33.97 13.91
CA CYS B 18 -29.22 35.10 13.01
C CYS B 18 -28.88 36.46 13.59
N GLN B 19 -28.45 36.48 14.85
CA GLN B 19 -27.97 37.73 15.44
C GLN B 19 -26.51 37.99 15.11
N ASP B 20 -26.13 39.26 15.15
CA ASP B 20 -24.79 39.70 14.79
C ASP B 20 -24.43 39.13 13.43
N LEU B 21 -25.30 39.42 12.46
CA LEU B 21 -25.21 38.81 11.15
C LEU B 21 -23.89 39.19 10.50
N THR B 22 -23.22 38.18 9.94
CA THR B 22 -21.92 38.37 9.33
C THR B 22 -21.84 37.53 8.05
N ALA B 23 -21.92 38.22 6.91
CA ALA B 23 -21.87 37.56 5.60
C ALA B 23 -20.45 37.49 5.09
N THR B 24 -20.05 36.30 4.62
CA THR B 24 -18.73 36.14 4.01
C THR B 24 -18.85 36.00 2.50
N PHE B 25 -18.26 36.94 1.75
CA PHE B 25 -18.28 36.89 0.29
C PHE B 25 -16.95 36.33 -0.17
N ILE B 26 -16.98 35.18 -0.85
CA ILE B 26 -15.73 34.56 -1.27
C ILE B 26 -15.57 34.55 -2.78
N SER B 27 -14.39 34.96 -3.25
CA SER B 27 -14.09 34.93 -4.67
C SER B 27 -12.77 34.24 -4.94
N TYR B 28 -12.88 33.19 -5.76
CA TYR B 28 -11.76 32.34 -6.10
C TYR B 28 -11.55 32.41 -7.59
N ARG B 29 -10.42 32.97 -7.99
CA ARG B 29 -10.05 32.96 -9.39
C ARG B 29 -9.20 31.75 -9.68
N GLU B 30 -9.75 30.87 -10.52
CA GLU B 30 -9.17 29.59 -10.84
C GLU B 30 -8.36 29.69 -12.14
N GLY B 31 -8.93 30.39 -13.11
CA GLY B 31 -8.26 30.66 -14.37
C GLY B 31 -8.90 31.83 -15.09
N PRO B 32 -8.54 32.03 -16.36
CA PRO B 32 -9.08 33.11 -17.19
C PRO B 32 -10.60 33.08 -17.22
N GLU B 33 -11.24 34.14 -16.73
CA GLU B 33 -12.71 34.18 -16.65
C GLU B 33 -13.33 32.96 -15.99
N MET B 34 -12.60 32.39 -15.01
CA MET B 34 -13.07 31.23 -14.27
C MET B 34 -13.05 31.53 -12.77
N PHE B 35 -14.22 31.90 -12.24
CA PHE B 35 -14.36 32.25 -10.84
C PHE B 35 -15.41 31.39 -10.15
N ARG B 36 -15.18 31.06 -8.89
CA ARG B 36 -16.23 30.50 -8.08
C ARG B 36 -16.54 31.56 -7.04
N HIS B 37 -17.77 32.06 -7.05
CA HIS B 37 -18.22 33.01 -6.03
C HIS B 37 -19.20 32.32 -5.06
N SER B 38 -19.18 32.74 -3.80
CA SER B 38 -20.09 32.17 -2.81
C SER B 38 -20.32 33.13 -1.66
N ILE B 39 -21.53 33.10 -1.12
CA ILE B 39 -21.82 33.83 0.11
C ILE B 39 -22.27 32.85 1.20
N ASN B 40 -21.86 33.10 2.44
CA ASN B 40 -22.39 32.33 3.56
C ASN B 40 -22.50 33.20 4.80
N LEU B 41 -23.24 32.72 5.79
CA LEU B 41 -23.41 33.43 7.06
C LEU B 41 -22.54 32.67 8.04
N GLU B 42 -22.35 33.21 9.24
CA GLU B 42 -21.34 32.66 10.15
C GLU B 42 -21.56 31.19 10.56
N GLN B 43 -22.80 30.77 10.74
CA GLN B 43 -23.04 29.38 11.07
C GLN B 43 -23.72 28.59 9.92
N SER B 44 -23.65 29.11 8.69
CA SER B 44 -24.28 28.45 7.52
C SER B 44 -23.22 27.88 6.56
N SER B 45 -23.63 26.95 5.71
CA SER B 45 -22.79 26.53 4.59
C SER B 45 -23.12 27.52 3.47
N ASP B 46 -22.72 27.28 2.23
CA ASP B 46 -23.01 28.31 1.23
C ASP B 46 -24.49 28.45 0.96
N ILE B 47 -24.97 29.69 1.04
CA ILE B 47 -26.37 30.00 0.68
C ILE B 47 -26.46 30.37 -0.80
N PHE B 48 -25.44 31.08 -1.29
CA PHE B 48 -25.37 31.39 -2.71
C PHE B 48 -24.02 31.00 -3.25
N ARG B 49 -24.01 30.35 -4.42
CA ARG B 49 -22.75 29.96 -5.03
C ARG B 49 -22.83 29.95 -6.54
N ILE B 50 -21.79 30.49 -7.16
CA ILE B 50 -21.61 30.40 -8.59
C ILE B 50 -20.37 29.58 -8.83
N GLU B 51 -20.55 28.41 -9.44
CA GLU B 51 -19.40 27.57 -9.82
C GLU B 51 -18.64 28.19 -10.98
N ALA B 52 -17.37 27.84 -11.13
CA ALA B 52 -16.58 28.36 -12.23
C ALA B 52 -17.18 27.94 -13.56
N SER B 53 -17.89 26.81 -13.57
CA SER B 53 -18.61 26.35 -14.75
C SER B 53 -19.74 27.30 -15.18
N GLY B 54 -20.04 28.31 -14.37
CA GLY B 54 -21.21 29.15 -14.61
C GLY B 54 -22.47 28.69 -13.91
N GLU B 55 -22.48 27.45 -13.40
CA GLU B 55 -23.66 26.92 -12.68
C GLU B 55 -23.98 27.75 -11.44
N VAL B 56 -25.26 28.05 -11.27
CA VAL B 56 -25.71 28.86 -10.15
C VAL B 56 -26.47 27.96 -9.17
N LYS B 57 -25.97 27.92 -7.93
CA LYS B 57 -26.56 27.09 -6.88
C LYS B 57 -27.13 28.00 -5.81
N HIS B 58 -28.42 27.84 -5.54
CA HIS B 58 -29.10 28.61 -4.51
C HIS B 58 -30.31 27.82 -4.03
N PHE B 59 -31.09 28.41 -3.13
CA PHE B 59 -32.25 27.71 -2.60
C PHE B 59 -33.53 28.28 -3.18
N PRO B 60 -34.57 27.45 -3.31
CA PRO B 60 -35.79 27.83 -4.06
C PRO B 60 -36.53 29.00 -3.45
N TRP B 61 -36.28 29.29 -2.17
CA TRP B 61 -36.85 30.46 -1.52
C TRP B 61 -36.05 31.73 -1.75
N MET B 62 -34.99 31.66 -2.56
CA MET B 62 -34.24 32.87 -2.91
C MET B 62 -34.59 33.31 -4.33
N ASN B 63 -34.80 34.61 -4.50
CA ASN B 63 -34.94 35.16 -5.83
C ASN B 63 -33.55 35.68 -6.19
N VAL B 64 -32.89 34.99 -7.11
CA VAL B 64 -31.54 35.37 -7.54
C VAL B 64 -31.50 36.72 -8.27
N SER B 65 -32.53 36.99 -9.07
CA SER B 65 -32.64 38.28 -9.73
C SER B 65 -32.59 39.48 -8.76
N GLU B 66 -33.05 39.26 -7.52
CA GLU B 66 -33.06 40.30 -6.49
C GLU B 66 -31.69 40.48 -5.84
N LEU B 67 -30.67 39.78 -6.34
CA LEU B 67 -29.35 39.84 -5.74
C LEU B 67 -28.44 40.78 -6.54
N ALA B 68 -28.97 41.97 -6.85
CA ALA B 68 -28.26 42.96 -7.67
C ALA B 68 -26.93 43.43 -7.08
N GLN B 69 -26.96 43.81 -5.79
CA GLN B 69 -25.78 44.38 -5.14
C GLN B 69 -24.65 43.35 -5.04
N GLU B 70 -24.96 42.16 -4.53
CA GLU B 70 -23.95 41.11 -4.42
C GLU B 70 -23.40 40.69 -5.78
N SER B 71 -24.28 40.55 -6.77
CA SER B 71 -23.83 40.27 -8.14
C SER B 71 -22.88 41.35 -8.64
N ALA B 72 -23.24 42.60 -8.37
CA ALA B 72 -22.35 43.70 -8.73
C ALA B 72 -21.03 43.62 -7.97
N PHE B 73 -21.04 43.18 -6.72
CA PHE B 73 -19.80 43.02 -5.95
C PHE B 73 -18.88 41.99 -6.59
N PHE B 74 -19.47 40.87 -7.00
CA PHE B 74 -18.71 39.80 -7.62
C PHE B 74 -18.22 40.18 -8.99
N VAL B 75 -19.04 40.95 -9.73
CA VAL B 75 -18.60 41.51 -11.01
C VAL B 75 -17.36 42.37 -10.78
N GLU B 76 -17.36 43.12 -9.68
CA GLU B 76 -16.19 43.93 -9.34
C GLU B 76 -14.99 43.06 -9.02
N GLN B 77 -15.21 41.98 -8.25
CA GLN B 77 -14.08 41.10 -7.91
C GLN B 77 -13.47 40.49 -9.17
N GLU B 78 -14.29 40.21 -10.17
CA GLU B 78 -13.77 39.61 -11.39
C GLU B 78 -12.81 40.56 -12.12
N ARG B 79 -13.25 41.81 -12.28
CA ARG B 79 -12.39 42.88 -12.76
C ARG B 79 -11.15 43.07 -11.87
N PHE B 80 -11.36 43.25 -10.57
CA PHE B 80 -10.26 43.54 -9.66
C PHE B 80 -9.17 42.47 -9.66
N VAL B 81 -9.60 41.21 -9.60
CA VAL B 81 -8.68 40.08 -9.48
C VAL B 81 -7.95 39.86 -10.81
N TYR B 82 -8.62 40.19 -11.91
CA TYR B 82 -8.00 40.13 -13.24
C TYR B 82 -6.86 41.13 -13.37
N GLU B 83 -7.12 42.40 -13.06
CA GLU B 83 -6.06 43.41 -13.06
C GLU B 83 -4.90 42.98 -12.16
N TYR B 84 -5.22 42.60 -10.92
CA TYR B 84 -4.20 42.23 -9.93
C TYR B 84 -3.27 41.16 -10.47
N ILE B 85 -3.87 40.08 -10.98
CA ILE B 85 -3.11 38.94 -11.49
C ILE B 85 -2.20 39.33 -12.66
N MET B 86 -2.75 40.02 -13.65
CA MET B 86 -1.99 40.46 -14.82
C MET B 86 -0.86 41.45 -14.46
N ASN B 87 -1.21 42.51 -13.73
CA ASN B 87 -0.24 43.57 -13.38
C ASN B 87 0.85 43.20 -12.37
N VAL B 88 0.57 42.23 -11.50
CA VAL B 88 1.53 41.89 -10.44
C VAL B 88 2.12 40.50 -10.60
N PHE B 89 1.28 39.48 -10.60
CA PHE B 89 1.78 38.13 -10.81
C PHE B 89 2.22 37.77 -12.21
N LYS B 90 1.41 38.16 -13.18
CA LYS B 90 1.71 38.01 -14.60
C LYS B 90 1.55 36.57 -15.06
N ALA B 91 1.20 35.71 -14.12
CA ALA B 91 0.95 34.31 -14.41
C ALA B 91 -0.36 34.08 -13.70
N GLY B 92 -1.23 33.29 -14.30
CA GLY B 92 -2.57 33.18 -13.74
C GLY B 92 -2.65 32.11 -12.67
N ARG B 93 -1.85 32.25 -11.63
CA ARG B 93 -1.93 31.33 -10.53
C ARG B 93 -3.27 31.60 -9.80
N PRO B 94 -3.85 30.56 -9.19
CA PRO B 94 -5.13 30.75 -8.51
C PRO B 94 -4.96 31.58 -7.25
N VAL B 95 -5.99 32.35 -6.89
CA VAL B 95 -5.97 33.19 -5.71
C VAL B 95 -7.38 33.28 -5.14
N VAL B 96 -7.50 33.48 -3.82
CA VAL B 96 -8.83 33.69 -3.23
C VAL B 96 -8.90 35.00 -2.45
N PHE B 97 -10.01 35.72 -2.59
CA PHE B 97 -10.31 36.83 -1.69
C PHE B 97 -11.56 36.56 -0.87
N GLU B 98 -11.44 36.78 0.44
CA GLU B 98 -12.53 36.52 1.36
C GLU B 98 -12.92 37.82 2.09
N TYR B 99 -14.15 38.28 1.88
CA TYR B 99 -14.66 39.45 2.58
C TYR B 99 -15.63 39.03 3.69
N ARG B 100 -15.21 39.15 4.95
CA ARG B 100 -16.12 38.81 6.04
C ARG B 100 -16.74 40.11 6.56
N CYS B 101 -18.03 40.33 6.27
CA CYS B 101 -18.65 41.64 6.55
C CYS B 101 -19.78 41.58 7.57
N LYS B 102 -19.71 42.48 8.55
CA LYS B 102 -20.85 42.82 9.40
C LYS B 102 -21.52 44.04 8.78
N PHE B 103 -22.84 44.03 8.67
CA PHE B 103 -23.56 45.12 8.05
C PHE B 103 -23.92 46.27 9.01
N VAL B 104 -24.31 45.93 10.24
CA VAL B 104 -24.60 46.95 11.27
C VAL B 104 -23.95 46.59 12.62
N PRO B 105 -22.95 47.39 13.04
CA PRO B 105 -22.32 48.49 12.28
C PRO B 105 -21.49 47.95 11.13
N PHE B 106 -21.47 48.61 9.98
CA PHE B 106 -20.70 48.11 8.84
C PHE B 106 -19.22 47.91 9.12
N GLU B 107 -18.72 46.72 8.82
CA GLU B 107 -17.32 46.39 9.01
C GLU B 107 -16.90 45.17 8.19
N CYS B 108 -15.80 45.31 7.46
CA CYS B 108 -15.26 44.18 6.71
C CYS B 108 -13.91 43.73 7.20
N THR B 109 -13.66 42.44 7.07
CA THR B 109 -12.31 41.91 7.13
C THR B 109 -12.02 41.24 5.79
N VAL B 110 -10.88 41.56 5.19
CA VAL B 110 -10.53 40.97 3.90
C VAL B 110 -9.35 40.01 4.05
N LEU B 111 -9.53 38.77 3.62
CA LEU B 111 -8.44 37.81 3.61
C LEU B 111 -8.05 37.47 2.17
N GLN B 112 -6.76 37.24 1.96
CA GLN B 112 -6.23 36.85 0.65
C GLN B 112 -5.48 35.54 0.86
N MET B 113 -5.82 34.52 0.05
CA MET B 113 -5.10 33.25 0.14
C MET B 113 -4.56 32.78 -1.20
N MET B 114 -3.36 32.20 -1.14
CA MET B 114 -2.80 31.51 -2.30
C MET B 114 -2.33 30.13 -1.92
N ASP B 115 -2.78 29.11 -2.65
CA ASP B 115 -2.28 27.75 -2.44
C ASP B 115 -2.40 27.23 -1.00
N GLY B 116 -3.55 27.48 -0.37
CA GLY B 116 -3.77 27.05 1.00
C GLY B 116 -3.18 27.97 2.06
N ASN B 117 -2.40 28.96 1.65
CA ASN B 117 -1.74 29.87 2.59
C ASN B 117 -2.43 31.22 2.64
N THR B 118 -2.69 31.73 3.83
CA THR B 118 -3.17 33.11 4.01
C THR B 118 -2.00 34.10 3.97
N LEU B 119 -2.03 35.04 3.02
CA LEU B 119 -0.96 36.03 2.86
C LEU B 119 -1.21 37.34 3.59
N THR B 120 -2.44 37.85 3.53
CA THR B 120 -2.76 39.15 4.09
C THR B 120 -4.12 39.21 4.80
N ARG B 121 -4.18 39.97 5.89
CA ARG B 121 -5.45 40.28 6.54
C ARG B 121 -5.65 41.80 6.59
N TYR B 122 -6.72 42.28 5.97
CA TYR B 122 -7.01 43.71 5.94
C TYR B 122 -8.22 44.03 6.82
N THR B 123 -7.96 44.82 7.86
CA THR B 123 -8.98 45.39 8.73
C THR B 123 -8.85 46.88 8.53
N VAL B 124 -9.97 47.60 8.56
CA VAL B 124 -9.92 49.03 8.25
C VAL B 124 -9.31 49.86 9.40
N ASP B 125 -9.43 49.35 10.62
CA ASP B 125 -8.79 49.98 11.78
C ASP B 125 -7.28 49.81 11.70
N LYS B 126 -6.81 48.56 11.59
CA LYS B 126 -5.40 48.27 11.36
C LYS B 126 -5.10 48.56 9.89
N GLY B 127 -3.96 48.09 9.41
CA GLY B 127 -3.63 48.24 8.02
C GLY B 127 -3.76 46.88 7.39
N VAL B 128 -2.91 46.62 6.42
CA VAL B 128 -2.79 45.29 5.88
C VAL B 128 -1.71 44.60 6.67
N GLU B 129 -2.08 43.49 7.31
CA GLU B 129 -1.13 42.68 8.02
C GLU B 129 -0.72 41.56 7.09
N THR B 130 0.58 41.41 6.86
CA THR B 130 1.12 40.33 6.04
C THR B 130 1.35 39.09 6.90
N LEU B 131 0.69 37.99 6.56
CA LEU B 131 0.74 36.74 7.31
C LEU B 131 1.57 35.67 6.62
N GLY B 132 1.81 35.84 5.32
CA GLY B 132 2.56 34.86 4.55
C GLY B 132 3.06 35.36 3.20
N SER B 133 3.92 34.56 2.58
CA SER B 133 4.38 34.84 1.21
C SER B 133 4.10 33.64 0.31
N PRO B 134 3.69 33.91 -0.94
CA PRO B 134 3.42 32.86 -1.93
C PRO B 134 4.70 32.22 -2.47
N PRO B 135 4.77 30.88 -2.45
CA PRO B 135 5.91 30.00 -2.73
C PRO B 135 6.75 30.27 -3.99
N TYR B 136 6.13 30.59 -5.12
CA TYR B 136 6.98 30.80 -6.30
C TYR B 136 6.79 32.22 -6.84
N SER B 137 7.09 33.20 -6.00
CA SER B 137 6.89 34.60 -6.35
C SER B 137 8.12 35.46 -6.03
N PRO B 138 9.26 35.16 -6.68
CA PRO B 138 10.47 35.91 -6.34
C PRO B 138 10.42 37.33 -6.93
N ASP B 139 9.79 37.45 -8.10
CA ASP B 139 9.67 38.74 -8.78
C ASP B 139 8.60 39.66 -8.19
N VAL B 140 7.77 39.14 -7.29
CA VAL B 140 6.68 39.95 -6.73
C VAL B 140 7.01 40.52 -5.34
N SER B 141 6.79 41.82 -5.17
CA SER B 141 7.08 42.48 -3.89
C SER B 141 5.97 42.28 -2.84
N GLU B 142 6.38 42.07 -1.59
CA GLU B 142 5.49 42.07 -0.46
C GLU B 142 4.60 43.33 -0.43
N ASP B 143 5.14 44.47 -0.86
CA ASP B 143 4.40 45.73 -0.84
C ASP B 143 3.18 45.63 -1.73
N ASP B 144 3.40 45.10 -2.94
CA ASP B 144 2.34 44.94 -3.93
C ASP B 144 1.24 43.97 -3.46
N ILE B 145 1.64 42.87 -2.84
CA ILE B 145 0.70 41.89 -2.30
C ILE B 145 -0.16 42.48 -1.17
N ALA B 146 0.49 43.21 -0.29
CA ALA B 146 -0.21 43.85 0.82
C ALA B 146 -1.21 44.87 0.31
N ARG B 147 -0.84 45.62 -0.71
CA ARG B 147 -1.68 46.73 -1.17
C ARG B 147 -2.93 46.16 -1.86
N TYR B 148 -2.76 45.01 -2.51
CA TYR B 148 -3.90 44.35 -3.13
C TYR B 148 -4.73 43.57 -2.09
N GLY B 149 -4.11 43.30 -0.94
CA GLY B 149 -4.82 42.74 0.21
C GLY B 149 -5.95 43.63 0.71
N GLN B 150 -5.96 44.89 0.29
CA GLN B 150 -7.06 45.76 0.68
C GLN B 150 -8.36 45.34 -0.01
N GLY B 151 -8.23 44.63 -1.11
CA GLY B 151 -9.38 44.17 -1.84
C GLY B 151 -9.97 45.35 -2.55
N SER B 152 -11.10 45.15 -3.22
CA SER B 152 -11.78 46.22 -3.93
C SER B 152 -13.27 46.07 -3.69
N GLY B 153 -14.06 47.08 -4.06
CA GLY B 153 -15.52 46.92 -4.15
C GLY B 153 -16.36 47.00 -2.88
N ILE B 154 -15.71 47.23 -1.74
CA ILE B 154 -16.41 47.26 -0.46
C ILE B 154 -17.51 48.34 -0.38
N SER B 155 -17.34 49.44 -1.10
CA SER B 155 -18.36 50.48 -1.14
C SER B 155 -19.72 49.94 -1.64
N ILE B 156 -19.68 48.95 -2.53
CA ILE B 156 -20.92 48.34 -2.99
C ILE B 156 -21.69 47.74 -1.80
N LEU B 157 -20.92 47.17 -0.85
CA LEU B 157 -21.47 46.55 0.34
C LEU B 157 -21.83 47.61 1.38
N ARG B 158 -20.93 48.57 1.63
CA ARG B 158 -21.19 49.62 2.61
C ARG B 158 -22.36 50.54 2.25
N ASP B 159 -22.41 51.01 1.01
CA ASP B 159 -23.46 51.92 0.58
C ASP B 159 -24.84 51.26 0.55
N ASN B 160 -24.86 49.94 0.65
CA ASN B 160 -26.11 49.19 0.67
C ASN B 160 -26.26 48.35 1.92
N ALA B 161 -25.60 48.73 3.00
CA ALA B 161 -25.57 47.88 4.19
C ALA B 161 -26.96 47.53 4.71
N ALA B 162 -27.75 48.56 4.98
CA ALA B 162 -29.10 48.38 5.52
C ALA B 162 -29.95 47.48 4.64
N LEU B 163 -29.74 47.53 3.33
CA LEU B 163 -30.54 46.71 2.42
C LEU B 163 -30.07 45.27 2.49
N LEU B 164 -28.75 45.10 2.62
CA LEU B 164 -28.13 43.78 2.71
C LEU B 164 -28.44 43.13 4.06
N GLN B 165 -28.37 43.92 5.13
CA GLN B 165 -28.72 43.43 6.46
C GLN B 165 -30.15 42.88 6.43
N LYS B 166 -31.05 43.59 5.76
CA LYS B 166 -32.43 43.15 5.73
C LYS B 166 -32.56 41.85 4.93
N ARG B 167 -31.96 41.83 3.74
CA ARG B 167 -32.11 40.68 2.86
C ARG B 167 -31.48 39.43 3.47
N TRP B 168 -30.30 39.57 4.07
CA TRP B 168 -29.62 38.40 4.61
C TRP B 168 -30.18 37.96 5.97
N THR B 169 -30.77 38.88 6.71
CA THR B 169 -31.47 38.51 7.95
C THR B 169 -32.68 37.66 7.59
N SER B 170 -33.37 38.07 6.53
CA SER B 170 -34.51 37.33 5.99
C SER B 170 -34.11 35.91 5.51
N PHE B 171 -32.95 35.80 4.88
CA PHE B 171 -32.50 34.50 4.41
C PHE B 171 -32.12 33.65 5.61
N CYS B 172 -31.44 34.26 6.57
CA CYS B 172 -31.08 33.56 7.80
C CYS B 172 -32.31 33.02 8.56
N ARG B 173 -33.34 33.84 8.69
CA ARG B 173 -34.54 33.44 9.41
C ARG B 173 -35.28 32.31 8.69
N LYS B 174 -35.27 32.33 7.36
CA LYS B 174 -35.86 31.25 6.56
C LYS B 174 -35.15 29.92 6.85
N ILE B 175 -33.82 29.98 6.96
CA ILE B 175 -33.01 28.80 7.25
C ILE B 175 -33.31 28.22 8.64
N VAL B 176 -33.27 29.09 9.64
CA VAL B 176 -33.68 28.75 11.00
C VAL B 176 -35.08 28.14 10.98
N ALA B 177 -35.99 28.74 10.20
CA ALA B 177 -37.39 28.30 10.11
C ALA B 177 -37.59 26.92 9.49
N MET B 178 -36.71 26.53 8.57
CA MET B 178 -36.93 25.26 7.86
C MET B 178 -36.21 24.15 8.58
N ASP B 179 -35.32 24.54 9.50
CA ASP B 179 -34.41 23.59 10.12
C ASP B 179 -35.13 22.64 11.05
N ASN B 180 -35.26 21.40 10.60
CA ASN B 180 -35.93 20.38 11.34
C ASN B 180 -35.19 19.07 11.11
N PRO B 181 -34.51 18.57 12.16
CA PRO B 181 -33.69 17.36 12.08
C PRO B 181 -34.49 16.15 11.55
N ARG B 182 -35.80 16.17 11.75
CA ARG B 182 -36.64 15.04 11.33
C ARG B 182 -36.95 15.10 9.85
N HIS B 183 -36.68 16.24 9.20
CA HIS B 183 -36.95 16.35 7.78
C HIS B 183 -35.77 15.87 6.93
N ASN B 184 -34.62 15.69 7.57
CA ASN B 184 -33.43 15.28 6.85
C ASN B 184 -33.42 13.76 6.66
N GLU B 185 -32.65 13.27 5.70
CA GLU B 185 -32.55 11.80 5.52
C GLU B 185 -31.16 11.31 5.95
N TYR B 186 -31.15 10.27 6.78
CA TYR B 186 -29.90 9.72 7.30
C TYR B 186 -29.71 8.31 6.76
N SER B 187 -28.47 7.93 6.48
CA SER B 187 -28.18 6.57 5.99
C SER B 187 -26.77 6.10 6.34
N LEU B 188 -26.58 4.79 6.43
CA LEU B 188 -25.27 4.23 6.67
C LEU B 188 -24.98 3.22 5.58
N TYR B 189 -23.70 3.05 5.22
CA TYR B 189 -23.30 1.95 4.36
C TYR B 189 -22.10 1.25 4.94
N SER B 190 -22.13 -0.08 4.90
CA SER B 190 -20.96 -0.84 5.31
C SER B 190 -20.41 -1.59 4.12
N ASN B 191 -19.14 -1.37 3.84
CA ASN B 191 -18.48 -2.14 2.79
C ASN B 191 -17.68 -3.23 3.49
N ARG B 192 -18.19 -4.46 3.36
CA ARG B 192 -17.59 -5.65 3.97
C ARG B 192 -16.20 -5.94 3.40
N GLY B 193 -16.03 -5.75 2.09
CA GLY B 193 -14.76 -5.95 1.43
C GLY B 193 -13.59 -5.17 2.01
N ASN B 194 -13.76 -3.88 2.23
CA ASN B 194 -12.64 -3.03 2.65
C ASN B 194 -12.74 -2.47 4.08
N GLY B 195 -13.83 -2.77 4.79
CA GLY B 195 -13.97 -2.37 6.19
C GLY B 195 -14.36 -0.91 6.42
N TYR B 196 -14.82 -0.25 5.37
CA TYR B 196 -15.27 1.14 5.49
C TYR B 196 -16.75 1.24 5.87
N VAL B 197 -17.10 2.28 6.63
CA VAL B 197 -18.49 2.64 6.86
C VAL B 197 -18.65 4.11 6.51
N SER B 198 -19.67 4.44 5.72
CA SER B 198 -19.98 5.84 5.43
C SER B 198 -21.25 6.22 6.19
N CYS B 199 -21.32 7.48 6.61
CA CYS B 199 -22.58 8.02 7.16
C CYS B 199 -22.99 9.22 6.32
N THR B 200 -24.26 9.28 5.93
CA THR B 200 -24.73 10.38 5.07
C THR B 200 -25.99 11.08 5.62
N MET B 201 -25.96 12.42 5.63
CA MET B 201 -27.16 13.21 5.86
C MET B 201 -27.49 14.09 4.64
N ARG B 202 -28.65 13.87 4.04
CA ARG B 202 -29.16 14.72 2.96
C ARG B 202 -30.14 15.70 3.57
N THR B 203 -30.04 16.97 3.17
CA THR B 203 -30.84 18.01 3.77
C THR B 203 -30.98 19.18 2.80
N GLN B 204 -31.96 20.05 3.03
CA GLN B 204 -32.18 21.23 2.20
C GLN B 204 -31.98 22.51 3.00
N VAL B 205 -31.29 22.38 4.12
CA VAL B 205 -31.10 23.46 5.06
C VAL B 205 -29.61 23.71 5.24
N PRO B 206 -29.11 24.81 4.65
CA PRO B 206 -27.66 25.05 4.59
C PRO B 206 -27.03 25.52 5.91
N LEU B 207 -26.90 24.62 6.88
CA LEU B 207 -26.20 24.98 8.11
C LEU B 207 -24.79 24.39 8.14
N ALA B 208 -23.93 24.99 8.95
CA ALA B 208 -22.57 24.46 9.09
C ALA B 208 -22.56 23.25 10.02
N TYR B 209 -23.05 22.12 9.52
CA TYR B 209 -23.12 20.92 10.33
C TYR B 209 -21.74 20.37 10.62
N ASN B 210 -21.63 19.71 11.76
CA ASN B 210 -20.40 19.03 12.12
C ASN B 210 -20.68 17.56 12.33
N ILE B 211 -19.94 16.71 11.62
CA ILE B 211 -20.08 15.28 11.77
C ILE B 211 -18.77 14.72 12.35
N SER B 212 -18.88 13.91 13.39
CA SER B 212 -17.72 13.32 14.04
C SER B 212 -18.19 12.01 14.67
N LEU B 213 -17.25 11.23 15.21
CA LEU B 213 -17.61 9.94 15.83
C LEU B 213 -17.61 10.10 17.34
N ALA B 214 -18.50 9.38 18.02
CA ALA B 214 -18.75 9.60 19.44
C ALA B 214 -17.52 9.44 20.32
N ASN B 215 -16.68 8.46 20.00
CA ASN B 215 -15.53 8.18 20.85
C ASN B 215 -14.28 8.96 20.46
N GLY B 216 -14.38 9.83 19.46
CA GLY B 216 -13.28 10.72 19.11
C GLY B 216 -12.39 10.27 17.96
N VAL B 217 -12.53 9.02 17.55
CA VAL B 217 -11.77 8.49 16.41
C VAL B 217 -11.93 9.36 15.18
N ASP B 218 -10.85 9.73 14.50
CA ASP B 218 -10.97 10.60 13.32
C ASP B 218 -11.73 9.93 12.17
N ILE B 219 -12.49 10.76 11.45
CA ILE B 219 -13.17 10.33 10.24
C ILE B 219 -12.92 11.40 9.19
N TYR B 220 -13.17 11.06 7.94
CA TYR B 220 -13.02 11.99 6.85
C TYR B 220 -14.43 12.45 6.49
N LYS B 221 -14.61 13.76 6.36
CA LYS B 221 -15.94 14.31 6.17
C LYS B 221 -15.88 15.44 5.17
N TYR B 222 -17.02 15.74 4.55
CA TYR B 222 -17.09 16.86 3.62
C TYR B 222 -18.56 17.15 3.38
N MET B 223 -18.86 18.27 2.71
CA MET B 223 -20.23 18.61 2.32
C MET B 223 -20.29 18.78 0.80
N ARG B 224 -21.43 18.44 0.20
CA ARG B 224 -21.65 18.68 -1.23
C ARG B 224 -22.90 19.51 -1.44
N MET B 225 -22.83 20.50 -2.32
CA MET B 225 -24.01 21.31 -2.65
C MET B 225 -24.43 20.95 -4.06
N TYR B 226 -25.72 20.69 -4.26
CA TYR B 226 -26.23 20.32 -5.59
C TYR B 226 -27.20 21.34 -6.16
N SER B 227 -27.74 21.04 -7.35
CA SER B 227 -28.61 21.95 -8.11
C SER B 227 -29.80 22.61 -7.39
N GLY B 228 -30.64 21.82 -6.75
CA GLY B 228 -31.94 22.36 -6.36
C GLY B 228 -32.14 22.73 -4.90
N GLY B 229 -31.13 23.35 -4.29
CA GLY B 229 -31.21 23.56 -2.86
C GLY B 229 -30.99 22.27 -2.08
N ARG B 230 -30.23 21.34 -2.66
CA ARG B 230 -29.99 20.06 -2.00
C ARG B 230 -28.57 19.98 -1.46
N LEU B 231 -28.41 19.55 -0.19
CA LEU B 231 -27.09 19.45 0.44
C LEU B 231 -26.84 18.04 0.93
N LYS B 232 -25.56 17.69 1.07
CA LYS B 232 -25.18 16.39 1.56
C LYS B 232 -23.99 16.52 2.51
N VAL B 233 -24.14 15.97 3.72
CA VAL B 233 -23.05 15.88 4.69
C VAL B 233 -22.67 14.42 4.72
N GLU B 234 -21.38 14.12 4.60
CA GLU B 234 -20.99 12.72 4.46
C GLU B 234 -19.68 12.50 5.18
N ALA B 235 -19.52 11.32 5.78
CA ALA B 235 -18.28 11.01 6.52
C ALA B 235 -17.91 9.55 6.34
N TRP B 236 -16.62 9.25 6.44
CA TRP B 236 -16.12 7.90 6.26
C TRP B 236 -15.31 7.42 7.46
N LEU B 237 -15.62 6.19 7.90
CA LEU B 237 -14.91 5.53 8.99
C LEU B 237 -14.22 4.29 8.43
N ASP B 238 -13.01 4.05 8.92
CA ASP B 238 -12.31 2.84 8.61
C ASP B 238 -12.37 2.02 9.87
N LEU B 239 -13.08 0.91 9.83
CA LEU B 239 -13.12 0.05 10.97
C LEU B 239 -11.67 -0.36 11.10
N ARG B 240 -11.24 -0.66 12.30
CA ARG B 240 -9.85 -1.00 12.50
C ARG B 240 -9.10 0.29 12.73
N ASP B 241 -9.84 1.36 12.96
CA ASP B 241 -9.24 2.58 13.46
C ASP B 241 -9.95 2.51 14.79
N LEU B 242 -10.91 1.60 14.87
CA LEU B 242 -11.66 1.36 16.08
C LEU B 242 -10.97 0.34 17.00
N ASN B 243 -9.88 -0.23 16.51
CA ASN B 243 -9.13 -1.26 17.23
C ASN B 243 -10.03 -2.40 17.71
N GLY B 244 -10.42 -3.26 16.77
CA GLY B 244 -11.17 -4.47 17.12
C GLY B 244 -12.63 -4.28 17.51
N SER B 245 -12.97 -3.11 18.03
CA SER B 245 -14.34 -2.83 18.41
C SER B 245 -15.22 -2.71 17.17
N THR B 246 -16.52 -2.58 17.41
CA THR B 246 -17.52 -2.61 16.35
C THR B 246 -18.70 -1.80 16.83
N ASP B 247 -18.50 -1.12 17.96
CA ASP B 247 -19.50 -0.23 18.49
C ASP B 247 -19.04 1.22 18.33
N PHE B 248 -19.78 1.94 17.49
CA PHE B 248 -19.45 3.32 17.17
C PHE B 248 -20.74 4.07 16.91
N ALA B 249 -20.70 5.39 17.00
CA ALA B 249 -21.84 6.17 16.54
C ALA B 249 -21.35 7.44 15.90
N PHE B 250 -22.00 7.79 14.79
CA PHE B 250 -21.70 9.08 14.17
C PHE B 250 -22.53 10.12 14.89
N VAL B 251 -21.92 11.25 15.22
CA VAL B 251 -22.66 12.36 15.80
C VAL B 251 -22.67 13.51 14.80
N ILE B 252 -23.88 13.99 14.49
CA ILE B 252 -24.07 15.07 13.55
C ILE B 252 -24.67 16.21 14.35
N SER B 253 -23.99 17.34 14.38
CA SER B 253 -24.45 18.45 15.20
C SER B 253 -24.68 19.73 14.40
N SER B 254 -25.71 20.47 14.80
CA SER B 254 -26.15 21.66 14.09
C SER B 254 -25.96 22.88 14.97
N PRO B 255 -25.55 24.00 14.36
CA PRO B 255 -25.34 25.20 15.17
C PRO B 255 -26.64 25.66 15.84
N THR B 256 -27.78 25.22 15.33
CA THR B 256 -29.05 25.59 15.94
C THR B 256 -29.35 24.82 17.22
N GLY B 257 -28.48 23.89 17.59
CA GLY B 257 -28.52 23.34 18.93
C GLY B 257 -29.03 21.92 19.10
N TRP B 258 -29.44 21.31 18.00
CA TRP B 258 -29.76 19.90 18.03
C TRP B 258 -28.59 19.05 17.53
N TYR B 259 -28.55 17.77 17.93
CA TYR B 259 -27.62 16.84 17.31
C TYR B 259 -28.28 15.48 17.20
N ALA B 260 -27.83 14.68 16.22
CA ALA B 260 -28.38 13.35 16.02
C ALA B 260 -27.29 12.31 16.09
N THR B 261 -27.58 11.17 16.69
CA THR B 261 -26.64 10.06 16.67
C THR B 261 -27.16 9.09 15.63
N VAL B 262 -26.24 8.54 14.83
CA VAL B 262 -26.63 7.57 13.81
C VAL B 262 -25.73 6.38 14.01
N LYS B 263 -26.33 5.20 14.15
CA LYS B 263 -25.54 3.99 14.39
C LYS B 263 -26.38 2.76 14.10
N TYR B 264 -25.78 1.58 14.17
CA TYR B 264 -26.52 0.33 13.98
C TYR B 264 -27.01 -0.23 15.34
N SER B 265 -28.20 -0.83 15.36
CA SER B 265 -28.63 -1.59 16.54
C SER B 265 -29.33 -2.88 16.16
N GLU B 266 -29.43 -3.78 17.13
CA GLU B 266 -29.98 -5.15 17.02
C GLU B 266 -30.33 -5.65 15.60
N ALA C 5 21.89 0.62 19.84
CA ALA C 5 21.21 1.90 19.57
C ALA C 5 19.76 1.69 19.15
N HIS C 6 19.23 2.63 18.34
CA HIS C 6 17.93 2.46 17.71
C HIS C 6 18.12 1.61 16.48
N SER C 7 18.43 0.34 16.69
CA SER C 7 18.83 -0.54 15.61
C SER C 7 18.05 -1.84 15.72
N LEU C 8 18.17 -2.68 14.70
CA LEU C 8 17.53 -3.99 14.68
C LEU C 8 18.57 -5.04 14.98
N ARG C 9 18.29 -5.91 15.95
CA ARG C 9 19.22 -6.95 16.30
C ARG C 9 18.55 -8.31 16.20
N CYS C 10 19.18 -9.21 15.44
CA CYS C 10 18.66 -10.57 15.30
C CYS C 10 19.68 -11.59 15.82
N ASN C 11 19.24 -12.42 16.76
CA ASN C 11 20.09 -13.44 17.34
C ASN C 11 19.62 -14.85 16.96
N LEU C 12 20.50 -15.61 16.32
CA LEU C 12 20.16 -16.95 15.85
C LEU C 12 20.97 -17.99 16.61
N THR C 13 20.30 -19.07 17.02
CA THR C 13 21.00 -20.20 17.63
C THR C 13 20.67 -21.44 16.83
N ILE C 14 21.72 -22.11 16.35
CA ILE C 14 21.59 -23.36 15.59
C ILE C 14 22.41 -24.44 16.31
N LYS C 15 21.74 -25.47 16.81
CA LYS C 15 22.41 -26.54 17.52
C LYS C 15 21.79 -27.88 17.18
N ALA C 16 22.31 -28.95 17.78
CA ALA C 16 21.69 -30.27 17.64
C ALA C 16 20.53 -30.40 18.61
N PRO C 17 19.44 -30.98 18.14
CA PRO C 17 18.30 -31.27 19.01
C PRO C 17 18.60 -32.52 19.83
N THR C 18 18.09 -32.56 21.05
CA THR C 18 18.27 -33.72 21.92
C THR C 18 16.91 -34.32 22.24
N PRO C 19 16.90 -35.56 22.74
CA PRO C 19 15.62 -36.10 23.23
C PRO C 19 15.06 -35.23 24.35
N ALA C 20 15.92 -34.81 25.26
CA ALA C 20 15.51 -33.91 26.32
C ALA C 20 15.02 -32.56 25.77
N ASP C 21 15.77 -32.01 24.80
CA ASP C 21 15.40 -30.75 24.15
C ASP C 21 15.43 -30.83 22.62
N PRO C 22 14.24 -30.85 22.00
CA PRO C 22 14.08 -31.03 20.55
C PRO C 22 14.48 -29.82 19.69
N LEU C 23 14.65 -28.66 20.31
CA LEU C 23 15.01 -27.44 19.59
C LEU C 23 16.33 -27.53 18.79
N TRP C 24 16.29 -27.14 17.52
CA TRP C 24 17.53 -27.07 16.73
C TRP C 24 17.81 -25.67 16.12
N TYR C 25 16.82 -24.79 16.24
CA TYR C 25 17.04 -23.39 15.90
C TYR C 25 16.08 -22.51 16.66
N GLU C 26 16.53 -21.29 16.93
CA GLU C 26 15.69 -20.28 17.54
C GLU C 26 16.15 -18.92 17.00
N ALA C 27 15.22 -18.03 16.72
CA ALA C 27 15.57 -16.70 16.25
C ALA C 27 14.81 -15.66 17.03
N LYS C 28 15.48 -14.57 17.36
CA LYS C 28 14.84 -13.45 18.05
C LYS C 28 15.31 -12.15 17.42
N CYS C 29 14.38 -11.35 16.94
CA CYS C 29 14.72 -10.03 16.43
C CYS C 29 14.15 -8.98 17.36
N LEU C 30 14.95 -7.96 17.66
CA LEU C 30 14.50 -6.90 18.55
C LEU C 30 14.94 -5.53 18.06
N VAL C 31 14.18 -4.51 18.44
CA VAL C 31 14.52 -3.12 18.17
C VAL C 31 14.47 -2.44 19.53
N ASP C 32 15.58 -1.82 19.93
CA ASP C 32 15.72 -1.35 21.29
C ASP C 32 15.43 -2.53 22.23
N GLU C 33 14.49 -2.36 23.16
CA GLU C 33 14.17 -3.46 24.07
C GLU C 33 13.25 -4.51 23.44
N ILE C 34 12.42 -4.06 22.51
CA ILE C 34 11.20 -4.76 22.12
C ILE C 34 11.35 -5.94 21.14
N LEU C 35 10.78 -7.09 21.53
CA LEU C 35 10.78 -8.29 20.68
C LEU C 35 9.79 -8.15 19.52
N ILE C 36 10.28 -8.35 18.30
CA ILE C 36 9.48 -8.22 17.09
C ILE C 36 9.22 -9.59 16.51
N LEU C 37 10.23 -10.45 16.58
CA LEU C 37 10.14 -11.77 15.99
C LEU C 37 10.71 -12.83 16.92
N HIS C 38 10.01 -13.94 17.03
CA HIS C 38 10.50 -15.08 17.78
C HIS C 38 10.08 -16.32 16.99
N LEU C 39 11.07 -17.08 16.52
CA LEU C 39 10.78 -18.25 15.73
C LEU C 39 11.62 -19.41 16.24
N SER C 40 11.09 -20.61 16.08
CA SER C 40 11.85 -21.82 16.39
C SER C 40 11.17 -22.96 15.67
N ASN C 41 11.77 -24.15 15.74
CA ASN C 41 11.16 -25.35 15.19
C ASN C 41 10.23 -25.99 16.22
N ILE C 42 9.89 -25.23 17.25
CA ILE C 42 9.03 -25.72 18.32
C ILE C 42 7.79 -24.83 18.43
N ASN C 43 6.63 -25.44 18.62
CA ASN C 43 5.43 -24.70 18.95
C ASN C 43 5.53 -24.23 20.39
N LYS C 44 5.25 -22.95 20.62
CA LYS C 44 5.08 -22.48 21.98
C LYS C 44 3.77 -21.69 22.09
N THR C 45 2.76 -22.35 22.63
CA THR C 45 1.41 -21.80 22.66
C THR C 45 0.69 -22.23 23.93
N ALA C 55 1.72 -2.51 15.69
CA ALA C 55 1.42 -3.11 14.39
C ALA C 55 2.56 -2.92 13.39
N ASN C 56 3.27 -1.80 13.48
CA ASN C 56 4.42 -1.57 12.61
C ASN C 56 5.48 -2.61 12.94
N ALA C 57 5.63 -2.88 14.23
CA ALA C 57 6.47 -3.99 14.69
C ALA C 57 5.96 -5.34 14.16
N THR C 58 4.66 -5.45 13.93
CA THR C 58 4.10 -6.70 13.42
C THR C 58 4.43 -6.87 11.94
N GLU C 59 4.46 -5.75 11.21
CA GLU C 59 4.80 -5.80 9.78
C GLU C 59 6.26 -6.17 9.51
N VAL C 60 7.19 -5.55 10.25
CA VAL C 60 8.61 -5.93 10.19
C VAL C 60 8.81 -7.42 10.42
N GLY C 61 8.34 -7.93 11.55
CA GLY C 61 8.50 -9.35 11.89
C GLY C 61 7.92 -10.27 10.83
N GLU C 62 6.76 -9.88 10.30
CA GLU C 62 6.15 -10.61 9.18
C GLU C 62 7.07 -10.65 7.97
N CYS C 63 7.54 -9.47 7.53
CA CYS C 63 8.49 -9.38 6.42
C CYS C 63 9.70 -10.29 6.67
N LEU C 64 10.25 -10.25 7.89
CA LEU C 64 11.50 -10.95 8.24
C LEU C 64 11.30 -12.45 8.48
N THR C 65 10.06 -12.86 8.67
CA THR C 65 9.77 -14.25 9.08
C THR C 65 10.31 -15.30 8.11
N GLN C 66 9.96 -15.17 6.83
CA GLN C 66 10.39 -16.14 5.83
C GLN C 66 11.92 -16.15 5.61
N PRO C 67 12.52 -14.96 5.36
CA PRO C 67 13.99 -14.94 5.20
C PRO C 67 14.76 -15.40 6.43
N VAL C 68 14.21 -15.19 7.63
CA VAL C 68 14.86 -15.68 8.84
C VAL C 68 14.73 -17.19 8.88
N ASN C 69 13.50 -17.65 8.70
CA ASN C 69 13.21 -19.08 8.59
C ASN C 69 14.13 -19.81 7.59
N ASP C 70 14.19 -19.34 6.35
CA ASP C 70 15.01 -20.02 5.35
C ASP C 70 16.52 -19.95 5.66
N LEU C 71 16.97 -18.82 6.23
CA LEU C 71 18.37 -18.69 6.63
C LEU C 71 18.76 -19.73 7.69
N CYS C 72 18.00 -19.78 8.79
CA CYS C 72 18.26 -20.78 9.84
C CYS C 72 18.39 -22.21 9.29
N GLN C 73 17.55 -22.54 8.33
CA GLN C 73 17.62 -23.84 7.66
C GLN C 73 18.93 -23.98 6.88
N LYS C 74 19.29 -22.93 6.13
CA LYS C 74 20.51 -22.98 5.32
C LYS C 74 21.74 -23.07 6.22
N LEU C 75 21.67 -22.42 7.38
CA LEU C 75 22.77 -22.43 8.32
C LEU C 75 23.02 -23.84 8.84
N ARG C 76 21.96 -24.51 9.31
CA ARG C 76 22.08 -25.89 9.77
C ARG C 76 22.65 -26.81 8.70
N ASP C 77 22.20 -26.70 7.46
CA ASP C 77 22.80 -27.48 6.38
C ASP C 77 24.32 -27.20 6.33
N LYS C 78 24.69 -25.93 6.51
CA LYS C 78 26.09 -25.53 6.45
C LYS C 78 26.88 -26.08 7.63
N VAL C 79 26.32 -26.01 8.83
CA VAL C 79 26.98 -26.61 9.99
C VAL C 79 27.12 -28.12 9.82
N SER C 80 26.01 -28.80 9.60
CA SER C 80 26.01 -30.26 9.41
C SER C 80 27.03 -30.71 8.37
N ASN C 81 27.30 -29.86 7.39
CA ASN C 81 28.20 -30.22 6.31
C ASN C 81 29.56 -29.53 6.38
N THR C 82 29.77 -28.66 7.37
CA THR C 82 31.07 -27.97 7.45
C THR C 82 32.13 -28.79 8.17
N LYS C 83 33.33 -28.73 7.63
CA LYS C 83 34.43 -29.56 8.08
C LYS C 83 35.24 -28.77 9.09
N VAL C 84 34.65 -28.63 10.28
CA VAL C 84 35.15 -27.74 11.32
C VAL C 84 35.29 -28.49 12.65
N ASP C 85 36.17 -29.49 12.65
CA ASP C 85 36.40 -30.31 13.82
C ASP C 85 37.10 -29.48 14.88
N THR C 86 36.64 -29.60 16.13
CA THR C 86 37.08 -28.73 17.22
C THR C 86 38.04 -29.50 18.12
N HIS C 87 38.28 -30.73 17.72
CA HIS C 87 39.05 -31.71 18.49
C HIS C 87 38.61 -31.92 19.97
N LYS C 88 37.31 -32.04 20.27
CA LYS C 88 36.22 -31.89 19.30
C LYS C 88 34.98 -31.17 19.84
N THR C 89 34.17 -30.70 18.90
CA THR C 89 32.85 -30.16 19.19
C THR C 89 31.89 -30.41 18.05
N ASN C 90 32.33 -31.20 17.07
CA ASN C 90 31.50 -31.42 15.89
C ASN C 90 30.64 -32.65 16.00
N GLY C 91 30.57 -33.25 17.18
CA GLY C 91 29.71 -34.41 17.24
C GLY C 91 28.54 -33.62 16.73
N TYR C 92 28.38 -32.44 17.30
CA TYR C 92 27.64 -31.37 16.68
C TYR C 92 28.06 -30.02 17.24
N PRO C 93 28.46 -29.11 16.36
CA PRO C 93 28.79 -27.75 16.78
C PRO C 93 27.53 -27.00 17.19
N HIS C 94 27.75 -25.93 17.91
CA HIS C 94 26.68 -25.06 18.32
C HIS C 94 27.00 -23.75 17.60
N LEU C 95 25.99 -23.07 17.06
CA LEU C 95 26.24 -21.82 16.35
C LEU C 95 25.39 -20.69 16.91
N GLN C 96 26.02 -19.55 17.18
CA GLN C 96 25.26 -18.35 17.48
C GLN C 96 25.52 -17.34 16.39
N VAL C 97 24.46 -16.71 15.91
CA VAL C 97 24.58 -15.66 14.91
C VAL C 97 23.98 -14.38 15.48
N THR C 98 24.65 -13.25 15.20
CA THR C 98 24.16 -11.95 15.62
C THR C 98 24.28 -11.00 14.43
N MET C 99 23.12 -10.50 14.00
CA MET C 99 23.01 -9.58 12.88
C MET C 99 22.68 -8.23 13.48
N ILE C 100 23.42 -7.19 13.12
CA ILE C 100 23.06 -5.87 13.60
C ILE C 100 22.84 -4.97 12.41
N TYR C 101 21.75 -4.20 12.42
CA TYR C 101 21.49 -3.21 11.38
C TYR C 101 20.85 -1.99 12.01
N PRO C 102 21.39 -0.79 11.75
CA PRO C 102 22.58 -0.48 10.96
C PRO C 102 23.83 -0.64 11.79
N GLN C 103 24.94 -0.97 11.13
CA GLN C 103 26.24 -1.07 11.77
C GLN C 103 26.67 0.31 12.23
N SER C 104 27.13 0.41 13.47
CA SER C 104 27.62 1.66 14.03
C SER C 104 28.66 2.40 13.15
N GLN C 105 29.62 1.66 12.61
CA GLN C 105 30.70 2.29 11.85
C GLN C 105 30.54 2.24 10.34
N GLY C 106 29.33 1.95 9.87
CA GLY C 106 29.07 1.96 8.44
C GLY C 106 28.99 3.35 7.83
N GLN C 107 29.46 3.50 6.60
CA GLN C 107 29.25 4.74 5.86
C GLN C 107 27.80 4.80 5.38
N THR C 108 27.27 3.66 4.97
CA THR C 108 25.88 3.61 4.54
C THR C 108 25.20 2.56 5.38
N PRO C 109 23.89 2.71 5.64
CA PRO C 109 23.21 1.74 6.51
C PRO C 109 23.35 0.33 5.99
N SER C 110 24.10 -0.48 6.74
CA SER C 110 24.43 -1.85 6.36
C SER C 110 24.42 -2.77 7.58
N ALA C 111 24.30 -4.07 7.33
CA ALA C 111 24.29 -5.09 8.37
C ALA C 111 25.67 -5.73 8.62
N THR C 112 25.88 -6.21 9.85
CA THR C 112 26.99 -7.11 10.15
C THR C 112 26.43 -8.44 10.62
N TRP C 113 27.16 -9.51 10.32
CA TRP C 113 26.75 -10.84 10.72
C TRP C 113 27.91 -11.44 11.51
N GLU C 114 27.72 -11.64 12.80
CA GLU C 114 28.79 -12.22 13.61
C GLU C 114 28.51 -13.70 13.90
N PHE C 115 29.48 -14.55 13.63
CA PHE C 115 29.30 -16.00 13.80
C PHE C 115 30.16 -16.55 14.92
N ASN C 116 29.54 -17.33 15.81
CA ASN C 116 30.26 -18.06 16.86
C ASN C 116 30.00 -19.54 16.73
N ILE C 117 30.98 -20.31 16.25
CA ILE C 117 30.85 -21.77 16.25
C ILE C 117 31.53 -22.44 17.45
N SER C 118 30.70 -22.90 18.41
CA SER C 118 31.15 -23.64 19.60
C SER C 118 32.12 -22.88 20.48
N ASP C 119 31.96 -21.57 20.56
CA ASP C 119 32.85 -20.72 21.33
C ASP C 119 34.28 -20.97 20.93
N SER C 120 34.47 -21.45 19.69
CA SER C 120 35.76 -21.88 19.21
C SER C 120 36.21 -21.21 17.90
N TYR C 121 35.25 -20.87 17.04
CA TYR C 121 35.57 -20.15 15.80
C TYR C 121 34.70 -18.91 15.67
N PHE C 122 35.34 -17.79 15.34
CA PHE C 122 34.67 -16.49 15.31
C PHE C 122 35.00 -15.75 14.01
N PHE C 123 33.96 -15.33 13.28
CA PHE C 123 34.17 -14.46 12.13
C PHE C 123 32.96 -13.57 11.86
N THR C 124 33.20 -12.49 11.11
CA THR C 124 32.16 -11.50 10.87
C THR C 124 32.06 -11.09 9.38
N PHE C 125 30.84 -11.07 8.87
CA PHE C 125 30.57 -10.62 7.50
C PHE C 125 30.06 -9.18 7.53
N TYR C 126 30.72 -8.30 6.77
CA TYR C 126 30.32 -6.91 6.66
C TYR C 126 29.64 -6.71 5.31
N THR C 127 28.33 -6.51 5.30
CA THR C 127 27.61 -6.35 4.03
C THR C 127 28.08 -5.11 3.25
N GLU C 128 28.40 -4.04 3.96
CA GLU C 128 28.79 -2.78 3.34
C GLU C 128 29.80 -2.92 2.19
N ASN C 129 30.81 -3.77 2.39
CA ASN C 129 31.87 -3.90 1.40
C ASN C 129 32.23 -5.34 1.09
N MET C 130 31.34 -6.25 1.42
CA MET C 130 31.51 -7.67 1.11
C MET C 130 32.81 -8.21 1.71
N SER C 131 33.01 -7.95 2.99
CA SER C 131 34.25 -8.35 3.62
C SER C 131 34.00 -9.29 4.78
N TRP C 132 35.00 -10.12 5.01
CA TRP C 132 34.97 -11.05 6.11
C TRP C 132 36.16 -10.78 7.01
N ARG C 133 35.94 -10.84 8.31
CA ARG C 133 37.01 -10.71 9.30
C ARG C 133 36.96 -11.91 10.24
N SER C 134 38.11 -12.52 10.49
CA SER C 134 38.21 -13.62 11.45
C SER C 134 38.90 -13.16 12.73
N ALA C 135 38.70 -13.90 13.81
CA ALA C 135 39.33 -13.60 15.08
C ALA C 135 40.76 -14.17 15.13
N ASN C 136 41.03 -15.15 14.27
CA ASN C 136 42.31 -15.87 14.29
C ASN C 136 42.42 -16.77 13.08
N ASP C 137 43.56 -17.48 12.96
CA ASP C 137 43.85 -18.31 11.78
C ASP C 137 42.83 -19.42 11.54
N GLU C 138 42.53 -20.19 12.59
CA GLU C 138 41.66 -21.33 12.42
C GLU C 138 40.24 -20.85 12.14
N SER C 139 39.91 -19.65 12.61
CA SER C 139 38.60 -19.11 12.30
C SER C 139 38.57 -18.72 10.84
N GLY C 140 39.72 -18.32 10.33
CA GLY C 140 39.80 -17.87 8.94
C GLY C 140 39.61 -18.99 7.94
N VAL C 141 40.05 -20.19 8.33
CA VAL C 141 39.96 -21.36 7.45
C VAL C 141 38.49 -21.66 7.16
N ILE C 142 37.68 -21.65 8.21
CA ILE C 142 36.25 -21.90 8.09
C ILE C 142 35.55 -20.74 7.40
N MET C 143 36.01 -19.53 7.72
CA MET C 143 35.42 -18.31 7.20
C MET C 143 35.46 -18.35 5.69
N ASN C 144 36.61 -18.77 5.15
CA ASN C 144 36.81 -18.77 3.71
C ASN C 144 36.11 -19.93 3.00
N LYS C 145 35.75 -20.96 3.76
CA LYS C 145 34.88 -22.03 3.25
C LYS C 145 33.41 -21.59 3.18
N TRP C 146 32.91 -20.94 4.23
CA TRP C 146 31.56 -20.36 4.20
C TRP C 146 31.47 -19.29 3.14
N ASN C 147 32.60 -18.59 2.98
CA ASN C 147 32.75 -17.53 2.02
C ASN C 147 32.54 -17.97 0.57
N ASP C 148 32.86 -19.23 0.27
CA ASP C 148 32.77 -19.74 -1.09
C ASP C 148 31.34 -20.08 -1.48
N ASP C 149 30.50 -20.28 -0.47
CA ASP C 149 29.09 -20.58 -0.69
C ASP C 149 28.34 -19.32 -1.13
N GLY C 150 28.26 -19.13 -2.44
CA GLY C 150 27.59 -17.98 -3.03
C GLY C 150 26.15 -17.84 -2.58
N ASP C 151 25.38 -18.93 -2.54
CA ASP C 151 24.00 -18.76 -2.12
C ASP C 151 23.94 -18.15 -0.72
N LEU C 152 24.77 -18.66 0.19
CA LEU C 152 24.77 -18.18 1.59
C LEU C 152 25.10 -16.69 1.66
N VAL C 153 26.15 -16.28 0.97
CA VAL C 153 26.55 -14.88 0.98
C VAL C 153 25.39 -14.03 0.47
N GLN C 154 24.77 -14.46 -0.63
CA GLN C 154 23.70 -13.68 -1.25
C GLN C 154 22.59 -13.47 -0.25
N ARG C 155 22.31 -14.54 0.49
CA ARG C 155 21.25 -14.57 1.47
C ARG C 155 21.49 -13.65 2.67
N LEU C 156 22.73 -13.53 3.13
CA LEU C 156 23.02 -12.57 4.20
C LEU C 156 23.01 -11.15 3.65
N LYS C 157 23.47 -11.00 2.43
CA LYS C 157 23.58 -9.69 1.80
C LYS C 157 22.22 -9.04 1.55
N TYR C 158 21.22 -9.85 1.19
CA TYR C 158 19.94 -9.28 0.78
C TYR C 158 18.86 -9.47 1.83
N PHE C 159 19.27 -10.01 2.98
CA PHE C 159 18.42 -10.16 4.14
C PHE C 159 17.75 -8.84 4.55
N ILE C 160 18.53 -7.81 4.88
CA ILE C 160 17.95 -6.50 5.17
C ILE C 160 17.27 -5.85 3.96
N PRO C 161 17.90 -5.91 2.77
CA PRO C 161 17.21 -5.23 1.65
C PRO C 161 15.79 -5.74 1.35
N GLU C 162 15.51 -7.04 1.51
CA GLU C 162 14.14 -7.48 1.29
C GLU C 162 13.13 -6.72 2.18
N CYS C 163 13.52 -6.43 3.42
CA CYS C 163 12.59 -5.86 4.38
C CYS C 163 12.97 -4.42 4.70
N ARG C 164 13.80 -3.83 3.84
CA ARG C 164 14.35 -2.51 4.13
C ARG C 164 13.30 -1.46 4.46
N GLN C 165 12.39 -1.17 3.52
CA GLN C 165 11.42 -0.10 3.71
C GLN C 165 10.72 -0.17 5.07
N LYS C 166 10.20 -1.34 5.40
CA LYS C 166 9.53 -1.52 6.68
C LYS C 166 10.47 -1.34 7.87
N ILE C 167 11.72 -1.80 7.74
CA ILE C 167 12.69 -1.66 8.82
C ILE C 167 13.11 -0.20 9.05
N ASP C 168 13.57 0.45 7.99
CA ASP C 168 13.94 1.86 8.05
C ASP C 168 12.79 2.74 8.57
N GLU C 169 11.56 2.38 8.20
CA GLU C 169 10.39 3.12 8.66
C GLU C 169 10.16 2.89 10.16
N PHE C 170 10.24 1.63 10.59
CA PHE C 170 10.03 1.29 12.00
C PHE C 170 11.12 1.81 12.95
N LEU C 171 12.38 1.78 12.52
CA LEU C 171 13.47 2.29 13.36
C LEU C 171 13.26 3.75 13.63
N LYS C 172 12.78 4.46 12.60
CA LYS C 172 12.48 5.87 12.71
C LYS C 172 11.26 6.08 13.62
N GLN C 173 10.35 5.11 13.64
CA GLN C 173 9.17 5.16 14.51
C GLN C 173 9.49 4.70 15.94
N SER C 174 10.53 3.89 16.09
CA SER C 174 11.00 3.48 17.41
C SER C 174 12.05 4.46 17.92
N LYS C 175 12.18 5.58 17.21
CA LYS C 175 13.01 6.71 17.62
C LYS C 175 12.08 7.92 17.66
N GLU C 176 10.95 7.78 16.96
CA GLU C 176 9.94 8.83 16.85
C GLU C 176 10.47 10.07 16.13
N SER D 3 6.61 4.46 -17.53
CA SER D 3 6.97 5.47 -16.53
C SER D 3 8.49 5.59 -16.39
N TYR D 4 8.98 5.39 -15.17
CA TYR D 4 10.42 5.33 -14.90
C TYR D 4 10.96 3.99 -15.43
N MET D 5 10.13 2.95 -15.26
CA MET D 5 10.39 1.61 -15.80
C MET D 5 9.48 1.29 -16.99
N ASP D 6 9.98 0.44 -17.90
CA ASP D 6 9.14 -0.10 -18.98
C ASP D 6 9.14 -1.63 -19.03
N VAL D 7 7.93 -2.18 -19.13
CA VAL D 7 7.68 -3.63 -19.20
C VAL D 7 7.31 -4.02 -20.63
N ARG D 8 8.05 -4.94 -21.22
CA ARG D 8 7.67 -5.43 -22.55
C ARG D 8 7.36 -6.91 -22.41
N ILE D 9 6.19 -7.32 -22.92
CA ILE D 9 5.77 -8.71 -22.84
C ILE D 9 5.88 -9.43 -24.20
N PHE D 10 6.55 -10.57 -24.22
CA PHE D 10 6.73 -11.36 -25.43
C PHE D 10 6.00 -12.70 -25.34
N GLU D 11 5.19 -13.02 -26.33
CA GLU D 11 4.46 -14.27 -26.29
C GLU D 11 4.71 -15.21 -27.46
N ASP D 12 5.22 -16.40 -27.12
CA ASP D 12 5.41 -17.50 -28.05
C ASP D 12 4.11 -18.25 -28.02
N GLU D 13 4.05 -19.39 -28.70
CA GLU D 13 2.84 -20.17 -28.63
C GLU D 13 2.65 -20.56 -27.17
N ARG D 14 1.42 -20.50 -26.68
CA ARG D 14 1.15 -20.88 -25.28
C ARG D 14 1.58 -22.33 -25.10
N VAL D 15 2.22 -22.63 -23.97
CA VAL D 15 2.61 -24.01 -23.66
C VAL D 15 1.58 -24.58 -22.68
N ASP D 16 1.06 -25.76 -22.98
CA ASP D 16 0.11 -26.41 -22.10
C ASP D 16 0.89 -27.24 -21.09
N ILE D 17 0.90 -26.82 -19.84
CA ILE D 17 1.65 -27.55 -18.82
C ILE D 17 0.83 -28.64 -18.17
N CYS D 18 -0.36 -28.89 -18.67
CA CYS D 18 -1.24 -29.78 -17.93
C CYS D 18 -1.22 -31.23 -18.39
N GLN D 19 -0.43 -31.52 -19.41
CA GLN D 19 -0.34 -32.89 -19.95
C GLN D 19 0.77 -33.69 -19.25
N ASP D 20 0.58 -35.01 -19.16
CA ASP D 20 1.51 -35.86 -18.40
C ASP D 20 1.59 -35.31 -16.98
N LEU D 21 0.42 -35.10 -16.37
CA LEU D 21 0.33 -34.44 -15.07
C LEU D 21 1.06 -35.21 -13.97
N THR D 22 2.03 -34.54 -13.36
CA THR D 22 2.80 -35.12 -12.26
C THR D 22 2.69 -34.24 -11.01
N ALA D 23 2.13 -34.79 -9.93
CA ALA D 23 1.94 -34.00 -8.73
C ALA D 23 3.02 -34.36 -7.72
N THR D 24 3.46 -33.37 -6.95
CA THR D 24 4.54 -33.58 -5.99
C THR D 24 4.07 -33.25 -4.58
N PHE D 25 4.17 -34.23 -3.67
CA PHE D 25 3.71 -34.06 -2.29
C PHE D 25 4.93 -34.00 -1.39
N ILE D 26 5.06 -32.92 -0.63
CA ILE D 26 6.23 -32.74 0.22
C ILE D 26 5.83 -32.57 1.66
N SER D 27 6.47 -33.34 2.54
CA SER D 27 6.21 -33.23 3.97
C SER D 27 7.53 -33.05 4.68
N TYR D 28 7.67 -31.90 5.34
CA TYR D 28 8.91 -31.53 6.00
C TYR D 28 8.62 -31.40 7.47
N ARG D 29 9.17 -32.32 8.25
CA ARG D 29 9.02 -32.29 9.71
C ARG D 29 10.19 -31.49 10.28
N GLU D 30 9.89 -30.33 10.88
CA GLU D 30 10.96 -29.54 11.48
C GLU D 30 10.97 -29.70 12.99
N GLY D 31 9.85 -30.17 13.52
CA GLY D 31 9.72 -30.36 14.96
C GLY D 31 8.49 -31.14 15.41
N PRO D 32 8.36 -31.31 16.74
CA PRO D 32 7.20 -31.96 17.37
C PRO D 32 5.89 -31.30 16.96
N GLU D 33 5.11 -32.01 16.14
CA GLU D 33 3.89 -31.46 15.53
C GLU D 33 4.17 -30.18 14.78
N MET D 34 5.34 -30.13 14.16
CA MET D 34 5.73 -29.00 13.32
C MET D 34 6.13 -29.50 11.94
N PHE D 35 5.16 -29.46 11.03
CA PHE D 35 5.29 -29.99 9.68
C PHE D 35 4.91 -28.92 8.69
N ARG D 36 5.63 -28.83 7.58
CA ARG D 36 5.18 -28.02 6.45
C ARG D 36 4.80 -29.01 5.38
N HIS D 37 3.60 -28.87 4.83
CA HIS D 37 3.10 -29.78 3.80
C HIS D 37 2.75 -28.96 2.57
N SER D 38 3.07 -29.48 1.40
CA SER D 38 2.72 -28.76 0.18
C SER D 38 2.53 -29.69 -1.00
N ILE D 39 1.77 -29.20 -1.99
CA ILE D 39 1.57 -29.90 -3.25
C ILE D 39 1.86 -28.94 -4.41
N ASN D 40 2.62 -29.40 -5.40
CA ASN D 40 2.88 -28.59 -6.59
C ASN D 40 2.82 -29.48 -7.81
N LEU D 41 2.69 -28.88 -8.99
CA LEU D 41 2.70 -29.67 -10.22
C LEU D 41 4.05 -29.43 -10.90
N GLU D 42 4.35 -30.13 -11.97
CA GLU D 42 5.68 -30.09 -12.55
C GLU D 42 6.14 -28.66 -12.84
N GLN D 43 5.29 -27.87 -13.47
CA GLN D 43 5.69 -26.50 -13.77
C GLN D 43 5.03 -25.43 -12.87
N SER D 44 4.48 -25.82 -11.72
CA SER D 44 3.79 -24.86 -10.84
C SER D 44 4.59 -24.57 -9.57
N SER D 45 4.25 -23.47 -8.90
CA SER D 45 4.71 -23.19 -7.53
C SER D 45 3.81 -24.02 -6.63
N ASP D 46 3.90 -23.85 -5.33
CA ASP D 46 2.98 -24.61 -4.49
C ASP D 46 1.58 -24.08 -4.73
N ILE D 47 0.68 -25.01 -5.03
CA ILE D 47 -0.73 -24.70 -5.22
C ILE D 47 -1.44 -24.81 -3.88
N PHE D 48 -0.92 -25.70 -3.04
CA PHE D 48 -1.45 -25.90 -1.71
C PHE D 48 -0.28 -26.00 -0.73
N ARG D 49 -0.36 -25.24 0.36
CA ARG D 49 0.68 -25.33 1.38
C ARG D 49 0.13 -25.17 2.80
N ILE D 50 0.53 -26.06 3.69
CA ILE D 50 0.25 -25.91 5.13
C ILE D 50 1.55 -25.60 5.85
N GLU D 51 1.65 -24.39 6.42
CA GLU D 51 2.87 -23.97 7.12
C GLU D 51 2.91 -24.62 8.49
N ALA D 52 4.12 -24.89 8.99
CA ALA D 52 4.32 -25.42 10.34
C ALA D 52 3.46 -24.71 11.42
N SER D 53 3.27 -23.41 11.25
CA SER D 53 2.49 -22.61 12.18
C SER D 53 1.00 -22.90 12.09
N GLY D 54 0.63 -23.86 11.25
CA GLY D 54 -0.79 -24.20 11.06
C GLY D 54 -1.49 -23.38 9.98
N GLU D 55 -0.84 -22.33 9.49
CA GLU D 55 -1.43 -21.45 8.47
C GLU D 55 -1.59 -22.18 7.14
N VAL D 56 -2.81 -22.21 6.63
CA VAL D 56 -3.07 -22.81 5.33
C VAL D 56 -3.07 -21.77 4.21
N LYS D 57 -2.26 -22.01 3.19
CA LYS D 57 -2.20 -21.15 2.02
C LYS D 57 -2.74 -21.91 0.80
N HIS D 58 -3.67 -21.30 0.10
CA HIS D 58 -4.27 -21.96 -1.05
C HIS D 58 -4.90 -20.85 -1.89
N PHE D 59 -5.37 -21.18 -3.08
CA PHE D 59 -5.98 -20.15 -3.91
C PHE D 59 -7.51 -20.13 -3.74
N PRO D 60 -8.15 -18.98 -4.00
CA PRO D 60 -9.60 -18.88 -3.79
C PRO D 60 -10.42 -19.86 -4.61
N TRP D 61 -9.91 -20.33 -5.73
CA TRP D 61 -10.68 -21.22 -6.58
C TRP D 61 -10.62 -22.67 -6.14
N MET D 62 -9.91 -22.92 -5.05
CA MET D 62 -9.84 -24.28 -4.51
C MET D 62 -10.74 -24.36 -3.31
N ASN D 63 -11.57 -25.41 -3.26
CA ASN D 63 -12.32 -25.65 -2.04
C ASN D 63 -11.43 -26.58 -1.22
N VAL D 64 -10.76 -26.00 -0.23
CA VAL D 64 -9.84 -26.76 0.61
C VAL D 64 -10.53 -27.97 1.27
N SER D 65 -11.85 -27.89 1.44
CA SER D 65 -12.61 -28.98 2.02
C SER D 65 -12.82 -30.17 1.05
N GLU D 66 -12.50 -29.99 -0.22
CA GLU D 66 -12.59 -31.09 -1.18
C GLU D 66 -11.33 -31.97 -1.19
N LEU D 67 -10.30 -31.57 -0.44
CA LEU D 67 -9.00 -32.25 -0.45
C LEU D 67 -8.88 -33.28 0.69
N ALA D 68 -9.87 -34.17 0.78
CA ALA D 68 -9.91 -35.18 1.81
C ALA D 68 -8.78 -36.19 1.67
N GLN D 69 -8.50 -36.60 0.44
CA GLN D 69 -7.45 -37.59 0.17
C GLN D 69 -6.02 -37.05 0.42
N GLU D 70 -5.75 -35.81 -0.01
CA GLU D 70 -4.46 -35.18 0.21
C GLU D 70 -4.19 -35.00 1.71
N SER D 71 -5.21 -34.56 2.45
CA SER D 71 -5.13 -34.40 3.90
C SER D 71 -4.83 -35.73 4.61
N ALA D 72 -5.51 -36.79 4.20
CA ALA D 72 -5.25 -38.09 4.79
C ALA D 72 -3.80 -38.51 4.55
N PHE D 73 -3.28 -38.23 3.36
CA PHE D 73 -1.87 -38.50 3.05
C PHE D 73 -0.91 -37.71 3.93
N PHE D 74 -1.23 -36.45 4.22
CA PHE D 74 -0.34 -35.66 5.07
C PHE D 74 -0.44 -36.09 6.53
N VAL D 75 -1.67 -36.39 6.96
CA VAL D 75 -1.95 -36.95 8.27
C VAL D 75 -1.09 -38.20 8.44
N GLU D 76 -1.09 -39.04 7.40
CA GLU D 76 -0.27 -40.23 7.38
C GLU D 76 1.26 -39.96 7.40
N GLN D 77 1.70 -38.91 6.70
CA GLN D 77 3.11 -38.52 6.78
C GLN D 77 3.48 -38.13 8.22
N GLU D 78 2.59 -37.40 8.90
CA GLU D 78 2.90 -36.94 10.25
C GLU D 78 3.08 -38.08 11.24
N ARG D 79 2.23 -39.11 11.12
CA ARG D 79 2.37 -40.31 11.94
C ARG D 79 3.67 -41.00 11.58
N PHE D 80 3.82 -41.32 10.30
CA PHE D 80 4.95 -42.08 9.81
C PHE D 80 6.30 -41.44 10.12
N VAL D 81 6.40 -40.13 9.98
CA VAL D 81 7.69 -39.47 10.18
C VAL D 81 8.04 -39.34 11.66
N TYR D 82 7.03 -39.13 12.50
CA TYR D 82 7.23 -39.12 13.94
C TYR D 82 7.77 -40.47 14.47
N GLU D 83 7.17 -41.56 14.00
CA GLU D 83 7.64 -42.89 14.38
C GLU D 83 9.07 -43.10 13.87
N TYR D 84 9.28 -42.85 12.58
CA TYR D 84 10.59 -42.98 11.96
C TYR D 84 11.69 -42.27 12.71
N ILE D 85 11.45 -41.02 13.06
CA ILE D 85 12.52 -40.18 13.61
C ILE D 85 12.86 -40.56 15.06
N MET D 86 11.86 -40.94 15.84
CA MET D 86 12.06 -41.25 17.25
C MET D 86 12.50 -42.71 17.48
N ASN D 87 12.24 -43.58 16.51
CA ASN D 87 12.71 -44.96 16.57
C ASN D 87 14.13 -45.12 16.00
N VAL D 88 14.48 -44.28 15.03
CA VAL D 88 15.80 -44.37 14.38
C VAL D 88 16.82 -43.30 14.81
N PHE D 89 16.45 -42.03 14.80
CA PHE D 89 17.42 -41.01 15.19
C PHE D 89 17.40 -40.66 16.67
N LYS D 90 16.22 -40.75 17.26
CA LYS D 90 16.05 -40.61 18.70
C LYS D 90 16.04 -39.14 19.04
N ALA D 91 16.39 -38.34 18.05
CA ALA D 91 16.44 -36.89 18.21
C ALA D 91 15.63 -36.32 17.08
N GLY D 92 14.75 -35.39 17.40
CA GLY D 92 13.90 -34.84 16.34
C GLY D 92 14.58 -33.88 15.38
N ARG D 93 15.51 -34.43 14.58
CA ARG D 93 16.25 -33.69 13.56
C ARG D 93 15.43 -33.58 12.25
N PRO D 94 15.54 -32.44 11.55
CA PRO D 94 14.69 -32.16 10.39
C PRO D 94 14.80 -33.21 9.29
N VAL D 95 13.69 -33.46 8.59
CA VAL D 95 13.69 -34.44 7.52
C VAL D 95 12.55 -34.17 6.54
N VAL D 96 12.80 -34.43 5.25
CA VAL D 96 11.77 -34.24 4.23
C VAL D 96 11.48 -35.52 3.46
N PHE D 97 10.19 -35.84 3.29
CA PHE D 97 9.79 -36.85 2.31
C PHE D 97 9.06 -36.21 1.13
N GLU D 98 9.55 -36.51 -0.07
CA GLU D 98 8.99 -35.94 -1.28
C GLU D 98 8.46 -37.03 -2.19
N TYR D 99 7.19 -36.95 -2.55
CA TYR D 99 6.56 -37.95 -3.41
C TYR D 99 6.21 -37.34 -4.76
N ARG D 100 6.85 -37.84 -5.82
CA ARG D 100 6.55 -37.37 -7.16
C ARG D 100 5.65 -38.39 -7.82
N CYS D 101 4.35 -38.12 -7.81
CA CYS D 101 3.38 -39.13 -8.23
C CYS D 101 2.66 -38.74 -9.51
N LYS D 102 2.74 -39.63 -10.49
CA LYS D 102 1.94 -39.56 -11.70
C LYS D 102 0.72 -40.47 -11.48
N PHE D 103 -0.48 -39.98 -11.82
CA PHE D 103 -1.72 -40.70 -11.48
C PHE D 103 -2.15 -41.71 -12.52
N VAL D 104 -1.85 -41.39 -13.78
CA VAL D 104 -2.32 -42.16 -14.92
C VAL D 104 -1.17 -42.37 -15.91
N PRO D 105 -0.67 -43.62 -15.98
CA PRO D 105 -0.98 -44.67 -15.01
C PRO D 105 -0.26 -44.37 -13.70
N PHE D 106 -0.73 -44.92 -12.58
CA PHE D 106 -0.15 -44.60 -11.27
C PHE D 106 1.30 -45.03 -11.06
N GLU D 107 2.16 -44.04 -10.79
CA GLU D 107 3.57 -44.23 -10.48
C GLU D 107 4.02 -43.16 -9.49
N CYS D 108 4.86 -43.52 -8.53
CA CYS D 108 5.43 -42.55 -7.60
C CYS D 108 6.91 -42.80 -7.39
N THR D 109 7.67 -41.71 -7.28
CA THR D 109 9.06 -41.74 -6.86
C THR D 109 9.15 -41.08 -5.50
N VAL D 110 9.88 -41.68 -4.56
CA VAL D 110 9.95 -41.14 -3.21
C VAL D 110 11.38 -40.72 -2.90
N LEU D 111 11.54 -39.50 -2.41
CA LEU D 111 12.85 -38.98 -2.10
C LEU D 111 12.88 -38.61 -0.62
N GLN D 112 13.93 -39.03 0.07
CA GLN D 112 14.14 -38.62 1.47
C GLN D 112 15.34 -37.67 1.55
N MET D 113 15.15 -36.52 2.18
CA MET D 113 16.21 -35.51 2.33
C MET D 113 16.43 -35.15 3.81
N MET D 114 17.70 -34.98 4.17
CA MET D 114 18.07 -34.58 5.53
C MET D 114 19.21 -33.56 5.39
N ASP D 115 19.03 -32.37 5.97
CA ASP D 115 20.03 -31.30 5.93
C ASP D 115 20.57 -31.00 4.52
N GLY D 116 19.67 -30.93 3.53
CA GLY D 116 20.07 -30.62 2.16
C GLY D 116 20.66 -31.78 1.36
N ASN D 117 20.72 -32.97 1.97
CA ASN D 117 21.29 -34.13 1.28
C ASN D 117 20.23 -35.15 0.93
N THR D 118 20.16 -35.53 -0.33
CA THR D 118 19.26 -36.59 -0.71
C THR D 118 19.83 -37.95 -0.25
N LEU D 119 19.14 -38.56 0.71
CA LEU D 119 19.55 -39.81 1.33
C LEU D 119 19.12 -41.00 0.48
N THR D 120 17.81 -41.16 0.30
CA THR D 120 17.27 -42.30 -0.45
C THR D 120 16.37 -41.92 -1.62
N ARG D 121 16.33 -42.78 -2.64
CA ARG D 121 15.35 -42.67 -3.71
C ARG D 121 14.67 -44.01 -3.95
N TYR D 122 13.36 -44.07 -3.72
CA TYR D 122 12.61 -45.28 -4.04
C TYR D 122 11.83 -45.14 -5.34
N THR D 123 12.08 -46.05 -6.26
CA THR D 123 11.23 -46.25 -7.42
C THR D 123 10.87 -47.74 -7.41
N VAL D 124 9.92 -48.17 -8.25
CA VAL D 124 9.59 -49.59 -8.31
C VAL D 124 10.60 -50.36 -9.15
N ASP D 125 10.87 -49.82 -10.34
CA ASP D 125 11.87 -50.34 -11.27
C ASP D 125 13.20 -50.69 -10.58
N LYS D 126 13.89 -49.69 -10.05
CA LYS D 126 15.02 -49.96 -9.16
C LYS D 126 14.43 -50.15 -7.77
N GLY D 127 15.27 -50.42 -6.77
CA GLY D 127 14.73 -50.64 -5.44
C GLY D 127 14.67 -49.33 -4.70
N VAL D 128 15.01 -49.38 -3.42
CA VAL D 128 15.35 -48.17 -2.68
C VAL D 128 16.83 -47.93 -2.93
N GLU D 129 17.17 -46.90 -3.71
CA GLU D 129 18.57 -46.52 -3.86
C GLU D 129 19.00 -45.62 -2.71
N THR D 130 20.19 -45.85 -2.18
CA THR D 130 20.76 -44.97 -1.17
C THR D 130 21.70 -43.97 -1.87
N LEU D 131 21.44 -42.68 -1.67
CA LEU D 131 22.14 -41.63 -2.41
C LEU D 131 23.08 -40.82 -1.52
N GLY D 132 22.96 -41.00 -0.20
CA GLY D 132 23.83 -40.30 0.72
C GLY D 132 23.60 -40.70 2.17
N SER D 133 24.30 -40.04 3.08
CA SER D 133 24.14 -40.31 4.50
C SER D 133 24.10 -39.01 5.29
N PRO D 134 23.40 -39.01 6.43
CA PRO D 134 23.35 -37.83 7.31
C PRO D 134 24.64 -37.69 8.10
N PRO D 135 25.21 -36.47 8.12
CA PRO D 135 26.49 -36.06 8.70
C PRO D 135 26.82 -36.51 10.13
N TYR D 136 25.88 -36.44 11.06
CA TYR D 136 26.16 -36.95 12.41
C TYR D 136 25.19 -38.05 12.81
N SER D 137 25.14 -39.10 12.01
CA SER D 137 24.29 -40.25 12.29
C SER D 137 25.10 -41.52 12.48
N PRO D 138 25.91 -41.59 13.56
CA PRO D 138 26.78 -42.75 13.74
C PRO D 138 26.01 -43.97 14.23
N ASP D 139 25.16 -43.76 15.23
CA ASP D 139 24.31 -44.82 15.79
C ASP D 139 23.35 -45.43 14.76
N VAL D 140 23.14 -44.72 13.66
CA VAL D 140 22.22 -45.12 12.60
C VAL D 140 22.96 -45.75 11.42
N SER D 141 22.35 -46.74 10.78
CA SER D 141 22.98 -47.46 9.67
C SER D 141 22.36 -47.16 8.30
N GLU D 142 23.14 -47.44 7.25
CA GLU D 142 22.67 -47.32 5.87
C GLU D 142 21.41 -48.14 5.62
N ASP D 143 21.24 -49.20 6.41
CA ASP D 143 20.12 -50.11 6.24
C ASP D 143 18.92 -49.65 7.05
N ASP D 144 19.17 -49.04 8.21
CA ASP D 144 18.11 -48.46 9.03
C ASP D 144 17.36 -47.39 8.25
N ILE D 145 18.11 -46.63 7.45
CA ILE D 145 17.58 -45.50 6.69
C ILE D 145 16.89 -45.93 5.39
N ALA D 146 17.51 -46.83 4.65
CA ALA D 146 16.95 -47.29 3.38
C ALA D 146 15.64 -48.04 3.58
N ARG D 147 15.38 -48.43 4.84
CA ARG D 147 14.22 -49.23 5.22
C ARG D 147 12.98 -48.35 5.17
N TYR D 148 13.15 -47.09 5.50
CA TYR D 148 12.04 -46.13 5.50
C TYR D 148 11.97 -45.36 4.17
N GLY D 149 12.95 -45.62 3.30
CA GLY D 149 13.08 -44.86 2.06
C GLY D 149 11.96 -45.03 1.07
N GLN D 150 11.04 -45.92 1.38
CA GLN D 150 9.91 -46.22 0.50
C GLN D 150 8.73 -45.32 0.89
N GLY D 151 8.83 -44.71 2.07
CA GLY D 151 7.80 -43.79 2.52
C GLY D 151 6.51 -44.48 2.95
N SER D 152 5.46 -43.71 3.14
CA SER D 152 4.19 -44.26 3.60
C SER D 152 3.04 -43.51 2.96
N GLY D 153 1.86 -44.12 2.96
CA GLY D 153 0.66 -43.43 2.52
C GLY D 153 0.37 -43.51 1.04
N ILE D 154 1.22 -44.18 0.28
CA ILE D 154 0.95 -44.37 -1.13
C ILE D 154 -0.44 -44.98 -1.40
N SER D 155 -0.84 -45.95 -0.58
CA SER D 155 -2.14 -46.60 -0.77
C SER D 155 -3.27 -45.59 -0.90
N ILE D 156 -3.21 -44.50 -0.15
CA ILE D 156 -4.26 -43.46 -0.23
C ILE D 156 -4.26 -42.79 -1.61
N LEU D 157 -3.07 -42.44 -2.09
CA LEU D 157 -2.91 -41.82 -3.40
C LEU D 157 -3.30 -42.79 -4.52
N ARG D 158 -2.83 -44.04 -4.40
CA ARG D 158 -3.16 -45.09 -5.37
C ARG D 158 -4.66 -45.42 -5.42
N ASP D 159 -5.34 -45.40 -4.27
CA ASP D 159 -6.76 -45.78 -4.22
C ASP D 159 -7.65 -44.68 -4.78
N ASN D 160 -7.09 -43.49 -4.95
CA ASN D 160 -7.86 -42.36 -5.44
C ASN D 160 -7.25 -41.74 -6.67
N ALA D 161 -6.43 -42.50 -7.38
CA ALA D 161 -5.74 -41.99 -8.56
C ALA D 161 -6.65 -41.22 -9.51
N ALA D 162 -7.66 -41.89 -10.06
CA ALA D 162 -8.50 -41.25 -11.08
C ALA D 162 -9.20 -39.99 -10.55
N LEU D 163 -9.59 -40.00 -9.28
CA LEU D 163 -10.20 -38.83 -8.65
C LEU D 163 -9.20 -37.64 -8.56
N LEU D 164 -7.95 -37.95 -8.20
CA LEU D 164 -6.90 -36.94 -8.07
C LEU D 164 -6.42 -36.40 -9.42
N GLN D 165 -6.34 -37.28 -10.41
CA GLN D 165 -6.02 -36.89 -11.78
C GLN D 165 -7.03 -35.87 -12.24
N LYS D 166 -8.27 -36.08 -11.81
CA LYS D 166 -9.34 -35.20 -12.23
C LYS D 166 -9.28 -33.84 -11.51
N ARG D 167 -9.13 -33.86 -10.19
CA ARG D 167 -9.12 -32.63 -9.40
C ARG D 167 -7.92 -31.76 -9.78
N TRP D 168 -6.77 -32.41 -9.98
CA TRP D 168 -5.56 -31.69 -10.25
C TRP D 168 -5.45 -31.19 -11.69
N THR D 169 -5.90 -31.99 -12.66
CA THR D 169 -6.06 -31.49 -14.03
C THR D 169 -6.92 -30.23 -14.00
N SER D 170 -8.03 -30.32 -13.27
CA SER D 170 -8.89 -29.18 -13.04
C SER D 170 -8.11 -27.98 -12.48
N PHE D 171 -7.29 -28.20 -11.45
CA PHE D 171 -6.53 -27.09 -10.83
C PHE D 171 -5.50 -26.52 -11.82
N CYS D 172 -4.77 -27.39 -12.52
CA CYS D 172 -3.81 -26.97 -13.55
C CYS D 172 -4.47 -26.14 -14.69
N ARG D 173 -5.60 -26.61 -15.17
CA ARG D 173 -6.31 -25.89 -16.22
C ARG D 173 -6.77 -24.52 -15.80
N LYS D 174 -7.21 -24.39 -14.56
CA LYS D 174 -7.59 -23.09 -13.99
C LYS D 174 -6.39 -22.14 -13.98
N ILE D 175 -5.26 -22.68 -13.56
CA ILE D 175 -4.00 -21.94 -13.52
C ILE D 175 -3.68 -21.41 -14.92
N VAL D 176 -3.55 -22.33 -15.89
CA VAL D 176 -3.42 -21.97 -17.30
C VAL D 176 -4.47 -20.94 -17.74
N ALA D 177 -5.73 -21.18 -17.39
CA ALA D 177 -6.81 -20.25 -17.77
C ALA D 177 -6.58 -18.81 -17.26
N MET D 178 -6.09 -18.70 -16.03
CA MET D 178 -5.91 -17.39 -15.40
C MET D 178 -4.62 -16.72 -15.80
N ASP D 179 -3.69 -17.49 -16.34
CA ASP D 179 -2.36 -16.97 -16.61
C ASP D 179 -2.37 -15.83 -17.65
N ASN D 180 -2.04 -14.62 -17.20
CA ASN D 180 -2.00 -13.43 -18.07
C ASN D 180 -0.95 -12.43 -17.60
N PRO D 181 0.15 -12.31 -18.36
CA PRO D 181 1.27 -11.42 -17.96
C PRO D 181 0.83 -9.96 -17.80
N ARG D 182 -0.28 -9.58 -18.42
CA ARG D 182 -0.78 -8.21 -18.28
C ARG D 182 -1.56 -7.99 -17.00
N HIS D 183 -1.97 -9.08 -16.34
CA HIS D 183 -2.65 -8.98 -15.05
C HIS D 183 -1.69 -8.88 -13.85
N ASN D 184 -0.42 -9.24 -14.06
CA ASN D 184 0.59 -9.17 -13.02
C ASN D 184 1.11 -7.76 -12.80
N GLU D 185 1.73 -7.53 -11.64
CA GLU D 185 2.27 -6.20 -11.33
C GLU D 185 3.79 -6.26 -11.18
N TYR D 186 4.49 -5.45 -11.96
CA TYR D 186 5.96 -5.49 -12.02
C TYR D 186 6.47 -4.22 -11.40
N SER D 187 7.59 -4.30 -10.67
CA SER D 187 8.16 -3.07 -10.12
C SER D 187 9.67 -3.13 -9.96
N LEU D 188 10.31 -1.96 -10.03
CA LEU D 188 11.73 -1.91 -9.80
C LEU D 188 12.01 -0.99 -8.61
N TYR D 189 13.08 -1.28 -7.87
CA TYR D 189 13.55 -0.32 -6.88
C TYR D 189 15.07 -0.15 -6.96
N SER D 190 15.50 1.11 -6.88
CA SER D 190 16.91 1.49 -6.91
C SER D 190 17.33 2.09 -5.59
N ASN D 191 18.21 1.39 -4.88
CA ASN D 191 18.85 1.94 -3.68
C ASN D 191 20.18 2.58 -4.08
N ARG D 192 20.26 3.90 -4.04
CA ARG D 192 21.51 4.59 -4.40
C ARG D 192 22.59 4.40 -3.34
N GLY D 193 22.19 4.45 -2.08
CA GLY D 193 23.11 4.23 -0.96
C GLY D 193 24.03 3.02 -1.08
N ASN D 194 23.52 1.88 -1.51
CA ASN D 194 24.40 0.73 -1.71
C ASN D 194 24.50 0.11 -3.10
N GLY D 195 23.86 0.71 -4.09
CA GLY D 195 23.98 0.24 -5.46
C GLY D 195 23.24 -1.06 -5.75
N TYR D 196 22.06 -1.22 -5.16
CA TYR D 196 21.26 -2.41 -5.40
C TYR D 196 20.03 -2.03 -6.21
N VAL D 197 19.58 -2.99 -7.03
CA VAL D 197 18.33 -2.84 -7.75
C VAL D 197 17.51 -4.10 -7.53
N SER D 198 16.26 -3.97 -7.07
CA SER D 198 15.41 -5.14 -6.94
C SER D 198 14.36 -5.15 -8.06
N CYS D 199 13.92 -6.35 -8.43
CA CYS D 199 12.82 -6.46 -9.38
C CYS D 199 11.76 -7.37 -8.78
N THR D 200 10.50 -6.94 -8.85
CA THR D 200 9.42 -7.64 -8.18
C THR D 200 8.24 -7.84 -9.14
N MET D 201 7.74 -9.08 -9.19
CA MET D 201 6.50 -9.37 -9.90
C MET D 201 5.44 -9.89 -8.92
N ARG D 202 4.30 -9.19 -8.78
CA ARG D 202 3.20 -9.70 -7.96
C ARG D 202 2.15 -10.37 -8.83
N THR D 203 1.63 -11.52 -8.37
CA THR D 203 0.78 -12.32 -9.22
C THR D 203 -0.05 -13.25 -8.38
N GLN D 204 -1.10 -13.80 -8.98
CA GLN D 204 -2.00 -14.72 -8.29
C GLN D 204 -2.04 -16.07 -8.99
N VAL D 205 -1.06 -16.29 -9.87
CA VAL D 205 -0.99 -17.49 -10.70
C VAL D 205 0.27 -18.29 -10.41
N PRO D 206 0.10 -19.45 -9.77
CA PRO D 206 1.21 -20.21 -9.19
C PRO D 206 2.02 -21.02 -10.21
N LEU D 207 2.86 -20.32 -10.96
CA LEU D 207 3.69 -20.99 -11.96
C LEU D 207 5.16 -20.97 -11.53
N ALA D 208 5.95 -21.91 -12.03
CA ALA D 208 7.36 -21.93 -11.68
C ALA D 208 8.10 -20.87 -12.48
N TYR D 209 7.91 -19.63 -12.16
CA TYR D 209 8.55 -18.56 -12.87
C TYR D 209 10.07 -18.52 -12.71
N ASN D 210 10.75 -18.03 -13.73
CA ASN D 210 12.20 -17.91 -13.70
C ASN D 210 12.60 -16.47 -13.95
N ILE D 211 13.48 -15.93 -13.09
CA ILE D 211 13.89 -14.57 -13.28
C ILE D 211 15.35 -14.53 -13.39
N SER D 212 15.87 -13.78 -14.29
CA SER D 212 17.30 -13.72 -14.53
C SER D 212 17.58 -12.39 -15.19
N LEU D 213 18.86 -12.09 -15.45
CA LEU D 213 19.20 -10.83 -16.10
C LEU D 213 19.62 -11.10 -17.54
N ALA D 214 19.29 -10.18 -18.44
CA ALA D 214 19.50 -10.36 -19.88
C ALA D 214 20.93 -10.73 -20.31
N ASN D 215 21.93 -10.08 -19.70
CA ASN D 215 23.33 -10.32 -20.06
C ASN D 215 23.97 -11.51 -19.32
N GLY D 216 23.16 -12.23 -18.55
CA GLY D 216 23.67 -13.40 -17.85
C GLY D 216 24.21 -13.20 -16.45
N VAL D 217 24.48 -11.95 -16.05
CA VAL D 217 25.01 -11.66 -14.72
C VAL D 217 24.14 -12.29 -13.61
N ASP D 218 24.76 -12.93 -12.62
CA ASP D 218 23.99 -13.62 -11.60
C ASP D 218 23.24 -12.65 -10.69
N ILE D 219 22.00 -13.01 -10.35
CA ILE D 219 21.19 -12.25 -9.41
C ILE D 219 20.67 -13.20 -8.34
N TYR D 220 20.29 -12.65 -7.21
CA TYR D 220 19.69 -13.46 -6.15
C TYR D 220 18.17 -13.32 -6.25
N LYS D 221 17.46 -14.45 -6.19
CA LYS D 221 16.02 -14.47 -6.44
C LYS D 221 15.32 -15.45 -5.52
N TYR D 222 14.04 -15.20 -5.29
CA TYR D 222 13.24 -16.12 -4.47
C TYR D 222 11.76 -15.90 -4.77
N MET D 223 10.91 -16.87 -4.42
CA MET D 223 9.46 -16.65 -4.45
C MET D 223 8.91 -16.55 -3.03
N ARG D 224 7.86 -15.77 -2.84
CA ARG D 224 7.17 -15.69 -1.57
C ARG D 224 5.70 -16.01 -1.75
N MET D 225 5.16 -16.87 -0.91
CA MET D 225 3.74 -17.18 -1.00
C MET D 225 2.97 -16.56 0.17
N TYR D 226 1.92 -15.78 -0.09
CA TYR D 226 1.15 -15.17 1.01
C TYR D 226 -0.26 -15.75 1.21
N SER D 227 -1.11 -14.99 1.88
CA SER D 227 -2.37 -15.49 2.41
C SER D 227 -3.48 -15.77 1.38
N GLY D 228 -3.85 -14.79 0.57
CA GLY D 228 -5.03 -14.98 -0.25
C GLY D 228 -4.80 -15.31 -1.71
N GLY D 229 -4.08 -16.39 -1.97
CA GLY D 229 -3.67 -16.68 -3.33
C GLY D 229 -2.77 -15.60 -3.92
N ARG D 230 -1.90 -15.04 -3.09
CA ARG D 230 -0.99 -13.98 -3.55
C ARG D 230 0.47 -14.43 -3.55
N LEU D 231 1.15 -14.26 -4.68
CA LEU D 231 2.57 -14.61 -4.83
C LEU D 231 3.42 -13.42 -5.22
N LYS D 232 4.71 -13.54 -4.91
CA LYS D 232 5.70 -12.54 -5.24
C LYS D 232 6.95 -13.23 -5.75
N VAL D 233 7.45 -12.80 -6.91
CA VAL D 233 8.74 -13.24 -7.40
C VAL D 233 9.63 -12.01 -7.26
N GLU D 234 10.82 -12.20 -6.72
CA GLU D 234 11.67 -11.06 -6.43
C GLU D 234 13.12 -11.40 -6.69
N ALA D 235 13.88 -10.43 -7.17
CA ALA D 235 15.28 -10.67 -7.48
C ALA D 235 16.10 -9.41 -7.21
N TRP D 236 17.37 -9.60 -6.86
CA TRP D 236 18.27 -8.51 -6.54
C TRP D 236 19.50 -8.44 -7.44
N LEU D 237 19.85 -7.23 -7.84
CA LEU D 237 21.05 -6.97 -8.64
C LEU D 237 21.97 -6.04 -7.86
N ASP D 238 23.25 -6.38 -7.75
CA ASP D 238 24.25 -5.41 -7.32
C ASP D 238 24.81 -4.77 -8.59
N LEU D 239 24.72 -3.44 -8.68
CA LEU D 239 25.19 -2.74 -9.89
C LEU D 239 26.70 -2.89 -10.08
N ARG D 240 27.42 -3.27 -9.02
CA ARG D 240 28.84 -3.57 -9.13
C ARG D 240 29.15 -4.79 -10.01
N ASP D 241 28.20 -5.73 -10.12
CA ASP D 241 28.42 -6.95 -10.90
C ASP D 241 28.20 -6.73 -12.40
N LEU D 242 27.79 -5.52 -12.76
CA LEU D 242 27.68 -5.13 -14.15
C LEU D 242 29.07 -4.84 -14.71
N ASN D 243 29.98 -4.44 -13.82
CA ASN D 243 31.37 -4.14 -14.15
C ASN D 243 31.54 -3.04 -15.18
N GLY D 244 30.88 -1.90 -14.95
CA GLY D 244 31.04 -0.75 -15.81
C GLY D 244 29.76 -0.22 -16.43
N SER D 245 29.10 -1.06 -17.23
CA SER D 245 27.86 -0.66 -17.87
C SER D 245 26.76 -0.39 -16.85
N THR D 246 25.65 0.15 -17.32
CA THR D 246 24.46 0.34 -16.49
C THR D 246 23.23 0.10 -17.37
N ASP D 247 23.43 -0.76 -18.36
CA ASP D 247 22.35 -1.25 -19.21
C ASP D 247 22.07 -2.70 -18.81
N PHE D 248 21.05 -2.88 -17.98
CA PHE D 248 20.62 -4.20 -17.53
C PHE D 248 19.12 -4.31 -17.75
N ALA D 249 18.63 -5.53 -17.83
CA ALA D 249 17.18 -5.78 -17.83
C ALA D 249 16.90 -7.11 -17.15
N PHE D 250 15.80 -7.17 -16.39
CA PHE D 250 15.40 -8.44 -15.80
C PHE D 250 14.50 -9.13 -16.79
N VAL D 251 14.61 -10.44 -16.85
CA VAL D 251 13.75 -11.24 -17.72
C VAL D 251 13.00 -12.21 -16.83
N ILE D 252 11.67 -12.13 -16.87
CA ILE D 252 10.84 -13.04 -16.10
C ILE D 252 10.19 -13.94 -17.11
N SER D 253 10.34 -15.24 -16.96
CA SER D 253 9.79 -16.15 -17.95
C SER D 253 8.89 -17.17 -17.30
N SER D 254 7.81 -17.46 -17.99
CA SER D 254 6.81 -18.38 -17.49
C SER D 254 6.89 -19.64 -18.32
N PRO D 255 6.68 -20.80 -17.69
CA PRO D 255 6.67 -22.09 -18.39
C PRO D 255 5.57 -22.12 -19.42
N THR D 256 4.60 -21.21 -19.31
CA THR D 256 3.52 -21.18 -20.28
C THR D 256 3.93 -20.49 -21.56
N GLY D 257 5.20 -20.12 -21.63
CA GLY D 257 5.77 -19.67 -22.89
C GLY D 257 5.77 -18.17 -23.14
N TRP D 258 5.41 -17.37 -22.15
CA TRP D 258 5.61 -15.93 -22.28
C TRP D 258 6.80 -15.48 -21.46
N TYR D 259 7.40 -14.34 -21.83
CA TYR D 259 8.37 -13.70 -20.93
C TYR D 259 8.24 -12.16 -20.93
N ALA D 260 8.61 -11.56 -19.80
CA ALA D 260 8.58 -10.11 -19.69
C ALA D 260 9.97 -9.61 -19.38
N THR D 261 10.42 -8.60 -20.12
CA THR D 261 11.63 -7.88 -19.76
C THR D 261 11.19 -6.65 -18.99
N VAL D 262 11.94 -6.35 -17.94
CA VAL D 262 11.62 -5.23 -17.07
C VAL D 262 12.88 -4.44 -16.93
N LYS D 263 12.81 -3.14 -17.23
CA LYS D 263 13.97 -2.28 -17.02
C LYS D 263 13.62 -0.80 -16.97
N TYR D 264 14.64 0.04 -16.77
CA TYR D 264 14.40 1.47 -16.58
C TYR D 264 14.25 2.25 -17.90
N SER D 265 13.16 3.02 -18.01
CA SER D 265 12.91 3.87 -19.17
C SER D 265 13.89 5.03 -19.16
N GLU D 266 14.21 5.54 -20.35
CA GLU D 266 15.01 6.76 -20.48
C GLU D 266 14.12 7.96 -20.82
#